data_9D7Y
#
_entry.id   9D7Y
#
_cell.length_a   96.544
_cell.length_b   103.963
_cell.length_c   85.088
_cell.angle_alpha   90.000
_cell.angle_beta   90.000
_cell.angle_gamma   90.000
#
_symmetry.space_group_name_H-M   'P 21 21 21'
#
loop_
_entity.id
_entity.type
_entity.pdbx_description
1 polymer 'scFv corresponding to human autoantibody b96.11'
2 non-polymer 'SULFATE ION'
3 water water
#
_entity_poly.entity_id   1
_entity_poly.type   'polypeptide(L)'
_entity_poly.pdbx_seq_one_letter_code
;DEVQLVESGGGLVQPGRSLRLSCSASGFTFGDYAMSWFRLAPGKGLEWVGLIKSRAIDGTPQYAASVKGRFTISRDDSNS
IAYLQMNSLTTEDTAIYYCARDFYDFWNEFSHRTFDFWGQGTLVTVSSSGGGGSGGGGSGGGGSGGGGQSALTQPASASG
SPGQSVTITCTGSSSDVGGYKYVSWYQHHPGKAPKLMIYEVSKRPSGVPDRFSGSKSGNMASLTVSGLQAEDEADYYCSS
YAGSYNFYVFGNGTKVTVLGHHHHH
;
_entity_poly.pdbx_strand_id   A,B,C
#
loop_
_chem_comp.id
_chem_comp.type
_chem_comp.name
_chem_comp.formula
SO4 non-polymer 'SULFATE ION' 'O4 S -2'
#
# COMPACT_ATOMS: atom_id res chain seq x y z
N ASP A 1 -9.49 21.87 -5.98
CA ASP A 1 -9.06 21.18 -4.76
C ASP A 1 -9.71 19.81 -4.66
N GLU A 2 -11.02 19.85 -4.36
CA GLU A 2 -11.92 18.76 -3.97
C GLU A 2 -12.17 18.80 -2.48
N VAL A 3 -13.38 18.41 -2.07
CA VAL A 3 -13.73 18.28 -0.66
C VAL A 3 -13.06 17.04 -0.09
N GLN A 4 -12.22 17.20 0.94
CA GLN A 4 -11.65 16.03 1.60
C GLN A 4 -11.76 16.14 3.12
N LEU A 5 -12.22 15.05 3.74
CA LEU A 5 -12.30 14.95 5.19
C LEU A 5 -11.43 13.77 5.63
N VAL A 6 -10.51 14.04 6.57
CA VAL A 6 -9.59 13.04 7.10
C VAL A 6 -9.71 12.98 8.63
N GLU A 7 -10.21 11.84 9.13
CA GLU A 7 -10.35 11.58 10.56
C GLU A 7 -9.17 10.76 11.08
N SER A 8 -8.65 11.17 12.23
CA SER A 8 -7.49 10.52 12.82
C SER A 8 -7.71 10.35 14.32
N GLY A 9 -6.79 9.61 14.94
CA GLY A 9 -6.75 9.43 16.38
C GLY A 9 -7.15 8.07 16.90
N GLY A 10 -7.91 7.28 16.15
CA GLY A 10 -8.36 5.99 16.66
C GLY A 10 -7.23 4.99 16.91
N GLY A 11 -7.59 3.87 17.52
CA GLY A 11 -6.62 2.85 17.91
C GLY A 11 -7.16 1.96 19.01
N LEU A 12 -6.32 1.00 19.42
CA LEU A 12 -6.72 0.10 20.50
C LEU A 12 -6.55 0.82 21.82
N VAL A 13 -7.61 0.94 22.61
CA VAL A 13 -7.56 1.69 23.87
C VAL A 13 -8.21 0.87 24.97
N GLN A 14 -7.67 0.98 26.18
CA GLN A 14 -8.29 0.30 27.32
C GLN A 14 -9.61 0.95 27.73
N PRO A 15 -10.47 0.19 28.39
CA PRO A 15 -11.81 0.70 28.70
C PRO A 15 -11.78 1.87 29.69
N GLY A 16 -12.91 2.57 29.76
CA GLY A 16 -13.07 3.74 30.61
C GLY A 16 -12.17 4.91 30.32
N ARG A 17 -11.41 4.80 29.25
CA ARG A 17 -10.40 5.77 28.89
C ARG A 17 -10.99 6.94 28.08
N SER A 18 -10.21 8.01 27.89
CA SER A 18 -10.60 9.17 27.09
C SER A 18 -9.71 9.28 25.85
N LEU A 19 -10.33 9.65 24.72
CA LEU A 19 -9.68 9.71 23.42
C LEU A 19 -10.29 10.87 22.61
N ARG A 20 -9.46 11.61 21.87
CA ARG A 20 -9.95 12.68 21.01
C ARG A 20 -9.71 12.32 19.56
N LEU A 21 -10.80 12.26 18.79
CA LEU A 21 -10.75 12.06 17.35
C LEU A 21 -10.74 13.41 16.65
N SER A 22 -9.89 13.54 15.64
CA SER A 22 -9.78 14.75 14.85
C SER A 22 -10.35 14.53 13.45
N CYS A 23 -10.92 15.58 12.88
CA CYS A 23 -11.37 15.56 11.50
C CYS A 23 -10.90 16.84 10.83
N SER A 24 -9.99 16.72 9.86
CA SER A 24 -9.42 17.87 9.17
C SER A 24 -10.05 18.02 7.80
N ALA A 25 -10.76 19.10 7.59
CA ALA A 25 -11.45 19.34 6.34
C ALA A 25 -10.56 20.07 5.35
N SER A 26 -10.97 20.05 4.10
CA SER A 26 -10.26 20.74 3.02
C SER A 26 -11.14 20.78 1.78
N GLY A 27 -11.09 21.90 1.07
CA GLY A 27 -11.72 22.02 -0.22
C GLY A 27 -12.98 22.83 -0.26
N PHE A 28 -13.47 23.30 0.89
CA PHE A 28 -14.66 24.13 0.99
C PHE A 28 -14.44 25.09 2.13
N THR A 29 -15.31 26.08 2.24
CA THR A 29 -15.12 27.13 3.22
C THR A 29 -15.72 26.66 4.56
N PHE A 30 -14.85 26.07 5.37
CA PHE A 30 -15.23 25.20 6.49
C PHE A 30 -16.34 25.80 7.34
N GLY A 31 -16.26 27.09 7.62
CA GLY A 31 -17.09 27.78 8.59
C GLY A 31 -18.55 27.81 8.26
N ASP A 32 -18.93 27.51 7.03
CA ASP A 32 -20.31 27.64 6.57
C ASP A 32 -21.12 26.35 6.64
N TYR A 33 -20.59 25.27 7.25
CA TYR A 33 -21.19 23.95 7.16
C TYR A 33 -21.32 23.25 8.52
N ALA A 34 -22.49 22.66 8.76
CA ALA A 34 -22.60 21.72 9.87
C ALA A 34 -21.65 20.57 9.62
N MET A 35 -21.20 19.97 10.69
CA MET A 35 -20.34 18.82 10.63
C MET A 35 -20.95 17.80 11.59
N SER A 36 -21.02 16.57 11.15
CA SER A 36 -21.66 15.51 11.90
C SER A 36 -20.73 14.32 12.05
N TRP A 37 -20.77 13.71 13.24
CA TRP A 37 -20.02 12.50 13.53
C TRP A 37 -20.95 11.31 13.49
N PHE A 38 -20.55 10.28 12.75
CA PHE A 38 -21.29 9.03 12.63
C PHE A 38 -20.40 7.89 13.07
N ARG A 39 -21.03 6.77 13.40
CA ARG A 39 -20.35 5.58 13.89
C ARG A 39 -20.87 4.30 13.21
N LEU A 40 -19.95 3.45 12.75
CA LEU A 40 -20.30 2.12 12.25
C LEU A 40 -19.68 1.07 13.16
N ALA A 41 -20.53 0.29 13.85
CA ALA A 41 -20.07 -0.71 14.79
C ALA A 41 -20.54 -2.10 14.38
N PRO A 42 -19.74 -3.13 14.63
CA PRO A 42 -20.11 -4.47 14.14
C PRO A 42 -21.36 -4.97 14.83
N GLY A 43 -22.24 -5.63 14.08
CA GLY A 43 -23.50 -6.08 14.65
C GLY A 43 -24.54 -4.97 14.58
N LYS A 44 -24.23 -3.79 15.15
CA LYS A 44 -25.10 -2.63 14.95
C LYS A 44 -24.96 -2.16 13.51
N GLY A 45 -25.77 -1.19 13.13
CA GLY A 45 -25.60 -0.64 11.79
C GLY A 45 -24.76 0.61 11.79
N LEU A 46 -25.25 1.63 11.08
CA LEU A 46 -24.70 2.97 11.20
C LEU A 46 -25.48 3.70 12.29
N GLU A 47 -24.80 4.60 12.97
CA GLU A 47 -25.41 5.38 14.05
C GLU A 47 -24.97 6.83 13.93
N TRP A 48 -25.89 7.75 14.19
CA TRP A 48 -25.53 9.15 14.36
C TRP A 48 -24.92 9.37 15.74
N VAL A 49 -23.82 10.12 15.81
CA VAL A 49 -23.25 10.37 17.14
C VAL A 49 -23.63 11.77 17.58
N GLY A 50 -23.28 12.77 16.78
CA GLY A 50 -23.56 14.14 17.14
C GLY A 50 -23.35 15.04 15.95
N LEU A 51 -23.66 16.32 16.17
CA LEU A 51 -23.71 17.36 15.15
C LEU A 51 -23.26 18.68 15.73
N ILE A 52 -22.40 19.41 15.02
CA ILE A 52 -22.12 20.81 15.37
C ILE A 52 -22.43 21.67 14.15
N LYS A 53 -23.17 22.74 14.37
CA LYS A 53 -23.60 23.57 13.27
C LYS A 53 -22.55 24.66 12.98
N SER A 54 -22.79 25.44 11.93
CA SER A 54 -21.97 26.61 11.68
C SER A 54 -22.13 27.63 12.79
N ARG A 55 -21.05 28.34 13.10
CA ARG A 55 -21.14 29.37 14.13
C ARG A 55 -22.10 30.47 13.76
N ALA A 56 -22.43 30.59 12.47
CA ALA A 56 -23.44 31.49 11.93
C ALA A 56 -24.86 31.02 12.23
N ILE A 57 -25.06 30.15 13.22
CA ILE A 57 -26.36 29.56 13.48
C ILE A 57 -26.61 29.48 14.97
N ASP A 58 -25.62 28.95 15.69
CA ASP A 58 -25.61 28.82 17.15
C ASP A 58 -24.26 28.20 17.46
N GLY A 59 -24.01 27.03 16.90
CA GLY A 59 -22.81 26.29 17.14
C GLY A 59 -22.91 25.29 18.28
N THR A 60 -23.80 25.54 19.24
CA THR A 60 -24.02 24.65 20.37
C THR A 60 -24.25 23.20 19.90
N PRO A 61 -23.39 22.25 20.28
CA PRO A 61 -23.46 20.90 19.71
C PRO A 61 -24.64 20.07 20.20
N GLN A 62 -25.12 19.21 19.30
CA GLN A 62 -26.15 18.24 19.60
C GLN A 62 -25.54 16.85 19.54
N TYR A 63 -25.84 16.03 20.52
CA TYR A 63 -25.35 14.67 20.55
C TYR A 63 -26.54 13.72 20.57
N ALA A 64 -26.27 12.43 20.66
CA ALA A 64 -27.31 11.42 20.66
C ALA A 64 -27.41 10.80 22.05
N ALA A 65 -28.63 10.44 22.44
CA ALA A 65 -28.95 9.84 23.73
C ALA A 65 -27.80 9.01 24.28
N SER A 66 -27.30 8.09 23.47
CA SER A 66 -26.20 7.21 23.87
C SER A 66 -25.03 8.00 24.44
N VAL A 67 -24.48 8.92 23.66
CA VAL A 67 -23.25 9.58 24.06
C VAL A 67 -23.64 10.84 24.79
N LYS A 68 -24.91 10.98 25.13
CA LYS A 68 -25.40 12.25 25.68
C LYS A 68 -24.81 12.40 27.06
N GLY A 69 -23.79 13.25 27.16
CA GLY A 69 -23.16 13.63 28.42
C GLY A 69 -21.72 13.20 28.55
N ARG A 70 -21.24 12.26 27.74
CA ARG A 70 -19.84 11.87 27.81
C ARG A 70 -19.06 12.11 26.53
N PHE A 71 -19.72 12.36 25.40
CA PHE A 71 -18.96 12.85 24.26
C PHE A 71 -19.16 14.35 24.13
N THR A 72 -18.19 15.01 23.49
CA THR A 72 -18.23 16.46 23.26
C THR A 72 -17.59 16.76 21.92
N ILE A 73 -18.35 17.44 21.06
CA ILE A 73 -17.99 17.77 19.69
C ILE A 73 -17.57 19.24 19.65
N SER A 74 -16.58 19.56 18.82
CA SER A 74 -15.96 20.86 18.83
C SER A 74 -15.43 21.21 17.44
N ARG A 75 -15.23 22.51 17.22
CA ARG A 75 -14.79 23.02 15.93
C ARG A 75 -13.63 23.95 16.14
N ASP A 76 -12.77 24.03 15.14
CA ASP A 76 -11.75 25.06 15.10
C ASP A 76 -11.84 25.63 13.69
N ASP A 77 -12.66 26.67 13.55
CA ASP A 77 -12.84 27.26 12.24
C ASP A 77 -11.54 27.90 11.76
N SER A 78 -10.66 28.25 12.69
CA SER A 78 -9.40 28.88 12.28
C SER A 78 -8.51 27.89 11.54
N ASN A 79 -8.67 26.59 11.80
CA ASN A 79 -7.88 25.58 11.11
C ASN A 79 -8.74 24.52 10.45
N SER A 80 -10.03 24.77 10.28
CA SER A 80 -10.91 23.91 9.48
C SER A 80 -10.85 22.46 9.98
N ILE A 81 -11.11 22.28 11.27
CA ILE A 81 -10.90 20.99 11.89
C ILE A 81 -11.95 20.77 12.97
N ALA A 82 -12.71 19.69 12.84
CA ALA A 82 -13.70 19.31 13.83
C ALA A 82 -13.14 18.20 14.70
N TYR A 83 -13.70 18.06 15.90
CA TYR A 83 -13.21 17.13 16.91
C TYR A 83 -14.35 16.35 17.52
N LEU A 84 -14.05 15.11 17.91
CA LEU A 84 -14.93 14.31 18.76
C LEU A 84 -14.13 13.87 19.97
N GLN A 85 -14.58 14.27 21.14
CA GLN A 85 -13.96 13.88 22.39
C GLN A 85 -14.78 12.75 23.01
N MET A 86 -14.12 11.65 23.32
CA MET A 86 -14.76 10.47 23.88
C MET A 86 -14.29 10.25 25.30
N ASN A 87 -15.24 10.10 26.21
CA ASN A 87 -14.94 9.88 27.61
C ASN A 87 -15.59 8.61 28.13
N SER A 88 -14.94 8.00 29.12
CA SER A 88 -15.42 6.77 29.73
C SER A 88 -15.79 5.77 28.64
N LEU A 89 -14.79 5.42 27.83
CA LEU A 89 -14.99 4.51 26.71
C LEU A 89 -15.33 3.10 27.20
N THR A 90 -16.47 2.56 26.77
CA THR A 90 -16.79 1.16 27.04
C THR A 90 -16.56 0.38 25.75
N THR A 91 -16.52 -0.95 25.88
CA THR A 91 -16.36 -1.77 24.69
C THR A 91 -17.55 -1.66 23.76
N GLU A 92 -18.73 -1.29 24.27
CA GLU A 92 -19.85 -1.06 23.37
C GLU A 92 -19.69 0.21 22.55
N ASP A 93 -18.56 0.90 22.70
CA ASP A 93 -18.22 2.06 21.88
C ASP A 93 -17.26 1.74 20.74
N THR A 94 -16.81 0.50 20.63
CA THR A 94 -15.89 0.11 19.57
C THR A 94 -16.54 0.26 18.21
N ALA A 95 -15.91 1.03 17.34
CA ALA A 95 -16.49 1.23 16.01
C ALA A 95 -15.55 2.04 15.14
N ILE A 96 -15.92 2.14 13.85
CA ILE A 96 -15.34 3.10 12.93
C ILE A 96 -16.16 4.38 12.97
N TYR A 97 -15.46 5.50 13.17
CA TYR A 97 -16.07 6.82 13.35
C TYR A 97 -15.81 7.68 12.12
N TYR A 98 -16.88 8.22 11.55
CA TYR A 98 -16.84 8.96 10.29
C TYR A 98 -17.16 10.43 10.50
N CYS A 99 -16.55 11.27 9.67
CA CYS A 99 -16.78 12.71 9.66
C CYS A 99 -17.65 13.10 8.48
N ALA A 100 -18.52 14.08 8.65
CA ALA A 100 -19.45 14.37 7.59
C ALA A 100 -19.76 15.85 7.47
N ARG A 101 -19.99 16.28 6.23
CA ARG A 101 -20.37 17.64 5.88
C ARG A 101 -21.86 17.66 5.57
N ASP A 102 -22.59 18.64 6.12
CA ASP A 102 -23.95 18.93 5.66
C ASP A 102 -23.95 19.15 4.15
N PHE A 103 -24.91 18.56 3.45
CA PHE A 103 -24.98 18.75 2.01
C PHE A 103 -24.99 20.22 1.58
N TYR A 104 -25.53 21.10 2.42
CA TYR A 104 -25.63 22.52 2.09
C TYR A 104 -24.87 23.36 3.10
N ASP A 105 -24.70 24.65 2.76
CA ASP A 105 -24.21 25.63 3.73
C ASP A 105 -25.37 26.18 4.57
N PHE A 106 -25.01 26.95 5.61
CA PHE A 106 -26.01 27.35 6.60
C PHE A 106 -27.09 28.19 5.98
N TRP A 107 -26.82 28.76 4.81
CA TRP A 107 -27.82 29.57 4.13
C TRP A 107 -29.08 28.75 3.84
N ASN A 108 -28.91 27.51 3.40
CA ASN A 108 -29.96 26.82 2.67
C ASN A 108 -31.07 26.36 3.60
N GLU A 109 -32.30 26.36 3.05
CA GLU A 109 -33.46 25.91 3.80
C GLU A 109 -33.32 24.47 4.25
N PHE A 110 -32.75 23.61 3.39
CA PHE A 110 -32.66 22.17 3.59
C PHE A 110 -31.42 21.78 4.34
N SER A 111 -30.76 22.72 4.99
CA SER A 111 -29.59 22.41 5.78
C SER A 111 -29.96 21.53 6.97
N HIS A 112 -28.93 20.97 7.61
CA HIS A 112 -29.05 20.14 8.81
C HIS A 112 -29.90 18.88 8.59
N ARG A 113 -29.92 18.37 7.35
CA ARG A 113 -30.75 17.22 7.01
C ARG A 113 -29.98 16.11 6.31
N THR A 114 -29.03 16.44 5.47
CA THR A 114 -28.37 15.43 4.68
C THR A 114 -26.86 15.62 4.79
N PHE A 115 -26.13 14.53 4.88
CA PHE A 115 -24.70 14.62 5.08
C PHE A 115 -23.99 13.84 3.98
N ASP A 116 -22.84 14.35 3.56
CA ASP A 116 -22.10 13.83 2.42
C ASP A 116 -20.60 13.97 2.73
N PHE A 117 -19.78 13.60 1.75
CA PHE A 117 -18.33 13.78 1.83
C PHE A 117 -17.72 13.11 3.07
N TRP A 118 -18.31 11.98 3.48
CA TRP A 118 -17.74 11.21 4.57
C TRP A 118 -16.28 10.87 4.30
N GLY A 119 -15.46 10.90 5.36
CA GLY A 119 -14.08 10.50 5.25
C GLY A 119 -13.97 8.98 5.26
N GLN A 120 -12.73 8.47 5.30
CA GLN A 120 -12.59 7.01 5.45
C GLN A 120 -13.02 6.55 6.82
N GLY A 121 -12.87 7.39 7.83
CA GLY A 121 -13.10 6.97 9.19
C GLY A 121 -11.84 6.47 9.87
N THR A 122 -11.84 6.52 11.19
CA THR A 122 -10.73 5.99 11.95
C THR A 122 -11.30 5.02 12.95
N LEU A 123 -10.66 3.86 13.06
CA LEU A 123 -11.16 2.75 13.85
C LEU A 123 -10.79 2.97 15.32
N VAL A 124 -11.79 2.81 16.20
CA VAL A 124 -11.58 2.82 17.65
C VAL A 124 -12.00 1.46 18.18
N THR A 125 -11.03 0.73 18.73
CA THR A 125 -11.23 -0.57 19.37
C THR A 125 -10.94 -0.40 20.85
N VAL A 126 -11.82 -0.92 21.70
CA VAL A 126 -11.69 -0.76 23.15
C VAL A 126 -11.56 -2.16 23.75
N SER A 127 -10.46 -2.42 24.45
CA SER A 127 -10.07 -3.77 24.86
C SER A 127 -11.10 -4.43 25.77
N SER A 128 -10.87 -5.70 26.03
CA SER A 128 -11.67 -6.50 26.96
C SER A 128 -13.15 -6.56 26.59
N ALA A 151 -33.20 0.49 13.64
CA ALA A 151 -34.43 1.25 13.90
C ALA A 151 -35.25 1.52 12.62
N LEU A 152 -34.62 1.42 11.45
CA LEU A 152 -35.34 1.32 10.19
C LEU A 152 -35.12 -0.08 9.65
N THR A 153 -36.13 -0.65 9.01
CA THR A 153 -36.08 -2.05 8.64
C THR A 153 -35.61 -2.24 7.22
N GLN A 154 -34.65 -3.10 7.06
CA GLN A 154 -33.95 -3.20 5.81
C GLN A 154 -33.62 -4.67 5.51
N PRO A 155 -34.07 -5.19 4.36
CA PRO A 155 -33.85 -6.60 4.06
C PRO A 155 -32.37 -6.93 4.03
N ALA A 156 -31.98 -7.99 4.73
CA ALA A 156 -30.57 -8.27 4.96
C ALA A 156 -29.80 -8.40 3.66
N SER A 157 -30.42 -8.93 2.61
CA SER A 157 -29.67 -9.33 1.44
C SER A 157 -30.53 -9.23 0.19
N ALA A 158 -29.87 -8.93 -0.92
CA ALA A 158 -30.52 -8.85 -2.21
C ALA A 158 -29.48 -9.16 -3.25
N SER A 159 -29.93 -9.68 -4.40
CA SER A 159 -29.01 -10.08 -5.44
C SER A 159 -29.71 -10.05 -6.78
N GLY A 160 -28.90 -10.06 -7.82
CA GLY A 160 -29.42 -10.05 -9.17
C GLY A 160 -28.31 -10.41 -10.14
N SER A 161 -28.72 -10.58 -11.43
CA SER A 161 -27.62 -10.83 -12.33
C SER A 161 -27.31 -9.55 -13.08
N PRO A 162 -26.07 -9.39 -13.53
CA PRO A 162 -25.67 -8.14 -14.19
C PRO A 162 -26.64 -7.75 -15.28
N GLY A 163 -27.05 -6.48 -15.27
CA GLY A 163 -28.05 -5.97 -16.18
C GLY A 163 -29.47 -6.06 -15.65
N GLN A 164 -29.78 -7.08 -14.86
CA GLN A 164 -31.09 -7.18 -14.24
C GLN A 164 -31.29 -6.01 -13.26
N SER A 165 -32.53 -5.87 -12.79
CA SER A 165 -32.84 -4.83 -11.82
C SER A 165 -32.80 -5.39 -10.40
N VAL A 166 -32.85 -4.49 -9.41
CA VAL A 166 -32.88 -4.87 -7.99
C VAL A 166 -33.64 -3.80 -7.23
N THR A 167 -34.27 -4.18 -6.13
CA THR A 167 -34.95 -3.21 -5.27
C THR A 167 -34.63 -3.47 -3.81
N ILE A 168 -34.28 -2.40 -3.08
CA ILE A 168 -33.96 -2.45 -1.66
C ILE A 168 -35.04 -1.67 -0.92
N THR A 169 -35.51 -2.20 0.21
CA THR A 169 -36.54 -1.56 0.99
C THR A 169 -35.95 -0.99 2.28
N CYS A 170 -36.54 0.09 2.75
CA CYS A 170 -36.14 0.71 4.02
C CYS A 170 -37.46 1.15 4.64
N THR A 171 -37.93 0.38 5.60
CA THR A 171 -39.22 0.61 6.23
C THR A 171 -39.02 1.12 7.66
N GLY A 172 -39.49 2.34 7.92
CA GLY A 172 -39.42 2.93 9.24
C GLY A 172 -40.79 3.25 9.80
N SER A 173 -40.98 4.45 10.34
CA SER A 173 -42.29 4.78 10.90
C SER A 173 -42.77 6.13 10.44
N SER A 174 -43.85 6.60 11.07
CA SER A 174 -44.34 7.95 10.83
C SER A 174 -43.34 9.01 11.28
N SER A 175 -42.58 8.75 12.33
CA SER A 175 -41.64 9.72 12.89
C SER A 175 -40.35 9.86 12.09
N ASP A 176 -40.17 9.10 11.01
CA ASP A 176 -38.91 9.13 10.28
C ASP A 176 -39.15 9.07 8.78
N VAL A 177 -39.13 7.88 8.19
CA VAL A 177 -39.30 7.77 6.74
C VAL A 177 -40.59 8.42 6.29
N GLY A 178 -41.69 8.13 6.98
CA GLY A 178 -42.97 8.66 6.53
C GLY A 178 -43.36 10.04 6.99
N GLY A 179 -42.51 10.73 7.75
CA GLY A 179 -42.87 12.02 8.28
C GLY A 179 -42.14 13.13 7.54
N TYR A 180 -41.17 12.74 6.73
CA TYR A 180 -40.25 13.68 6.12
C TYR A 180 -39.93 13.29 4.68
N LYS A 181 -39.24 14.21 4.01
CA LYS A 181 -38.72 14.01 2.66
C LYS A 181 -37.21 13.97 2.74
N TYR A 182 -36.68 13.36 3.79
CA TYR A 182 -35.25 13.24 4.01
C TYR A 182 -34.90 11.78 4.24
N VAL A 183 -34.88 10.99 3.17
CA VAL A 183 -34.36 9.64 3.23
C VAL A 183 -33.12 9.60 2.35
N SER A 184 -31.99 9.18 2.92
CA SER A 184 -30.76 8.97 2.18
C SER A 184 -30.45 7.49 2.11
N TRP A 185 -29.66 7.10 1.10
CA TRP A 185 -29.08 5.76 1.00
C TRP A 185 -27.59 5.90 0.77
N TYR A 186 -26.80 5.19 1.55
CA TYR A 186 -25.36 5.18 1.37
C TYR A 186 -24.91 3.84 0.82
N GLN A 187 -23.82 3.85 0.06
CA GLN A 187 -23.20 2.62 -0.39
C GLN A 187 -21.87 2.50 0.33
N HIS A 188 -21.59 1.31 0.86
CA HIS A 188 -20.44 1.09 1.74
C HIS A 188 -19.61 -0.08 1.26
N HIS A 189 -18.41 0.21 0.94
CA HIS A 189 -17.40 -0.79 0.67
C HIS A 189 -16.46 -0.90 1.85
N PRO A 190 -16.22 -2.13 2.35
CA PRO A 190 -15.37 -2.33 3.53
C PRO A 190 -14.04 -1.63 3.42
N GLY A 191 -13.78 -0.72 4.35
CA GLY A 191 -12.53 0.02 4.36
C GLY A 191 -12.60 1.35 3.65
N LYS A 192 -13.72 1.65 3.00
CA LYS A 192 -13.87 2.86 2.22
C LYS A 192 -14.92 3.79 2.81
N ALA A 193 -14.90 5.03 2.41
CA ALA A 193 -15.84 5.99 2.96
C ALA A 193 -17.24 5.74 2.42
N PRO A 194 -18.25 5.67 3.27
CA PRO A 194 -19.61 5.53 2.74
C PRO A 194 -19.91 6.69 1.82
N LYS A 195 -20.77 6.45 0.83
CA LYS A 195 -20.96 7.41 -0.24
C LYS A 195 -22.45 7.66 -0.49
N LEU A 196 -22.86 8.94 -0.55
CA LEU A 196 -24.26 9.23 -0.93
C LEU A 196 -24.58 8.82 -2.34
N MET A 197 -25.60 7.97 -2.44
CA MET A 197 -26.24 7.56 -3.67
C MET A 197 -27.52 8.32 -3.90
N ILE A 198 -28.30 8.49 -2.85
CA ILE A 198 -29.62 9.12 -2.95
C ILE A 198 -29.83 9.99 -1.73
N TYR A 199 -30.40 11.16 -1.94
CA TYR A 199 -30.76 12.03 -0.84
C TYR A 199 -32.10 12.64 -1.12
N GLU A 200 -32.73 13.16 -0.06
CA GLU A 200 -34.08 13.70 -0.15
C GLU A 200 -34.98 12.74 -0.92
N VAL A 201 -34.92 11.48 -0.51
CA VAL A 201 -35.75 10.40 -1.02
C VAL A 201 -35.32 9.97 -2.42
N SER A 202 -35.17 10.93 -3.36
CA SER A 202 -34.97 10.51 -4.75
C SER A 202 -33.91 11.26 -5.55
N LYS A 203 -33.12 12.14 -4.94
CA LYS A 203 -32.16 12.94 -5.71
C LYS A 203 -30.81 12.25 -5.81
N ARG A 204 -30.20 12.31 -6.98
CA ARG A 204 -28.87 11.74 -7.20
C ARG A 204 -27.85 12.85 -7.07
N PRO A 205 -26.86 12.73 -6.18
CA PRO A 205 -25.80 13.74 -6.10
C PRO A 205 -25.03 13.79 -7.41
N SER A 206 -24.20 14.81 -7.57
CA SER A 206 -23.42 14.91 -8.80
C SER A 206 -22.55 13.68 -8.92
N GLY A 207 -22.69 12.97 -10.03
CA GLY A 207 -21.87 11.81 -10.27
C GLY A 207 -22.34 10.49 -9.71
N VAL A 208 -23.61 10.35 -9.31
CA VAL A 208 -24.22 9.05 -9.05
C VAL A 208 -25.04 8.67 -10.27
N PRO A 209 -24.81 7.50 -10.90
CA PRO A 209 -25.53 7.15 -12.12
C PRO A 209 -27.03 6.99 -11.91
N ASP A 210 -27.81 7.53 -12.87
CA ASP A 210 -29.28 7.54 -12.87
C ASP A 210 -29.89 6.13 -12.77
N ARG A 211 -29.05 5.08 -12.78
CA ARG A 211 -29.53 3.73 -12.54
C ARG A 211 -29.73 3.44 -11.06
N PHE A 212 -29.23 4.30 -10.17
CA PHE A 212 -29.59 4.27 -8.76
C PHE A 212 -30.80 5.17 -8.60
N SER A 213 -31.87 4.63 -8.03
CA SER A 213 -33.13 5.34 -7.99
C SER A 213 -33.71 5.30 -6.58
N GLY A 214 -34.27 6.43 -6.16
CA GLY A 214 -34.86 6.57 -4.83
C GLY A 214 -36.36 6.75 -4.94
N SER A 215 -37.08 6.25 -3.96
CA SER A 215 -38.53 6.36 -3.96
C SER A 215 -39.05 6.06 -2.57
N LYS A 216 -40.30 6.44 -2.34
CA LYS A 216 -40.89 6.32 -1.01
C LYS A 216 -42.41 6.31 -1.17
N SER A 217 -43.08 5.72 -0.19
CA SER A 217 -44.54 5.87 -0.11
C SER A 217 -44.96 5.55 1.31
N GLY A 218 -45.62 6.50 1.97
CA GLY A 218 -45.93 6.28 3.37
C GLY A 218 -44.65 6.10 4.16
N ASN A 219 -44.60 5.01 4.93
CA ASN A 219 -43.54 4.72 5.90
C ASN A 219 -42.38 3.89 5.33
N MET A 220 -42.28 3.77 4.01
CA MET A 220 -41.34 2.83 3.38
C MET A 220 -40.68 3.44 2.14
N ALA A 221 -39.37 3.54 2.17
CA ALA A 221 -38.56 4.02 1.06
C ALA A 221 -38.02 2.85 0.26
N SER A 222 -37.62 3.14 -0.99
CA SER A 222 -37.09 2.13 -1.87
C SER A 222 -35.90 2.66 -2.65
N LEU A 223 -34.89 1.80 -2.79
CA LEU A 223 -33.76 2.03 -3.68
C LEU A 223 -33.89 1.04 -4.82
N THR A 224 -33.64 1.48 -6.05
CA THR A 224 -33.70 0.56 -7.18
C THR A 224 -32.44 0.72 -8.01
N VAL A 225 -31.67 -0.36 -8.12
CA VAL A 225 -30.48 -0.36 -8.95
C VAL A 225 -30.86 -1.03 -10.26
N SER A 226 -31.02 -0.21 -11.30
CA SER A 226 -31.20 -0.75 -12.64
C SER A 226 -29.88 -1.17 -13.26
N GLY A 227 -29.93 -2.22 -14.09
CA GLY A 227 -28.79 -2.69 -14.85
C GLY A 227 -27.52 -2.86 -14.04
N LEU A 228 -27.51 -3.80 -13.10
CA LEU A 228 -26.40 -4.03 -12.20
C LEU A 228 -25.03 -4.10 -12.87
N GLN A 229 -23.99 -3.94 -12.07
CA GLN A 229 -22.63 -3.88 -12.58
C GLN A 229 -21.75 -4.50 -11.51
N ALA A 230 -20.57 -4.95 -11.93
CA ALA A 230 -19.69 -5.63 -10.99
C ALA A 230 -19.34 -4.73 -9.82
N GLU A 231 -19.05 -3.47 -10.11
CA GLU A 231 -18.74 -2.51 -9.08
C GLU A 231 -19.93 -2.28 -8.15
N ASP A 232 -21.12 -2.72 -8.54
CA ASP A 232 -22.31 -2.39 -7.77
C ASP A 232 -22.52 -3.27 -6.55
N GLU A 233 -21.63 -4.21 -6.30
CA GLU A 233 -21.82 -5.12 -5.17
C GLU A 233 -21.30 -4.49 -3.87
N ALA A 234 -22.22 -4.11 -2.98
CA ALA A 234 -21.82 -3.41 -1.75
C ALA A 234 -22.86 -3.61 -0.64
N ASP A 235 -22.55 -3.05 0.53
CA ASP A 235 -23.50 -2.89 1.63
C ASP A 235 -24.23 -1.56 1.42
N TYR A 236 -25.56 -1.59 1.56
CA TYR A 236 -26.39 -0.40 1.31
C TYR A 236 -27.17 -0.05 2.57
N TYR A 237 -26.89 1.13 3.11
CA TYR A 237 -27.52 1.61 4.33
C TYR A 237 -28.50 2.72 4.03
N CYS A 238 -29.65 2.67 4.69
CA CYS A 238 -30.64 3.73 4.57
C CYS A 238 -30.70 4.52 5.87
N SER A 239 -31.07 5.80 5.72
CA SER A 239 -31.16 6.73 6.84
C SER A 239 -32.30 7.69 6.58
N SER A 240 -32.90 8.17 7.67
CA SER A 240 -33.91 9.22 7.62
C SER A 240 -33.70 10.18 8.78
N TYR A 241 -33.93 11.46 8.52
CA TYR A 241 -34.15 12.39 9.61
C TYR A 241 -35.32 11.89 10.46
N ALA A 242 -35.20 12.02 11.78
CA ALA A 242 -36.16 11.43 12.70
C ALA A 242 -36.68 12.47 13.70
N GLY A 243 -36.78 13.71 13.26
CA GLY A 243 -37.30 14.77 14.09
C GLY A 243 -36.29 15.32 15.06
N SER A 244 -36.76 16.31 15.80
CA SER A 244 -35.90 17.13 16.64
C SER A 244 -35.18 16.32 17.72
N TYR A 245 -35.84 15.32 18.31
CA TYR A 245 -35.25 14.63 19.46
C TYR A 245 -34.22 13.58 19.07
N ASN A 246 -34.56 12.69 18.14
CA ASN A 246 -33.62 11.65 17.74
C ASN A 246 -32.65 12.07 16.63
N PHE A 247 -32.97 13.12 15.88
CA PHE A 247 -32.23 13.59 14.71
C PHE A 247 -32.20 12.56 13.58
N TYR A 248 -31.18 11.70 13.54
CA TYR A 248 -31.10 10.62 12.55
C TYR A 248 -31.40 9.24 13.11
N VAL A 249 -31.79 8.33 12.19
CA VAL A 249 -31.82 6.89 12.42
C VAL A 249 -31.44 6.15 11.14
N PHE A 250 -30.91 4.93 11.30
CA PHE A 250 -30.45 4.12 10.17
C PHE A 250 -31.10 2.74 10.20
N GLY A 251 -31.01 2.05 9.06
CA GLY A 251 -31.27 0.62 8.99
C GLY A 251 -30.00 -0.14 9.27
N ASN A 252 -30.11 -1.48 9.36
CA ASN A 252 -28.94 -2.31 9.64
C ASN A 252 -28.10 -2.67 8.41
N GLY A 253 -28.50 -2.23 7.22
CA GLY A 253 -27.69 -2.45 6.03
C GLY A 253 -28.08 -3.68 5.24
N THR A 254 -27.82 -3.64 3.94
CA THR A 254 -28.21 -4.68 3.00
C THR A 254 -27.03 -5.02 2.12
N LYS A 255 -26.66 -6.31 2.09
CA LYS A 255 -25.63 -6.82 1.19
C LYS A 255 -26.29 -7.08 -0.16
N VAL A 256 -25.95 -6.28 -1.15
CA VAL A 256 -26.34 -6.57 -2.52
C VAL A 256 -25.19 -7.33 -3.15
N THR A 257 -25.50 -8.43 -3.81
CA THR A 257 -24.48 -9.29 -4.38
C THR A 257 -24.78 -9.37 -5.88
N VAL A 258 -23.76 -9.18 -6.72
CA VAL A 258 -24.09 -9.21 -8.13
C VAL A 258 -23.56 -10.50 -8.75
N GLU B 2 16.87 16.16 -33.50
CA GLU B 2 16.49 17.60 -33.47
C GLU B 2 17.35 18.32 -32.43
N VAL B 3 16.96 18.17 -31.16
CA VAL B 3 17.84 18.64 -30.09
C VAL B 3 19.07 17.75 -30.11
N GLN B 4 20.26 18.34 -30.31
CA GLN B 4 21.50 17.57 -30.29
C GLN B 4 22.57 18.20 -29.42
N LEU B 5 23.24 17.35 -28.62
CA LEU B 5 24.36 17.71 -27.77
C LEU B 5 25.62 16.91 -28.13
N VAL B 6 26.74 17.60 -28.29
CA VAL B 6 28.00 16.99 -28.68
C VAL B 6 29.06 17.36 -27.65
N GLU B 7 29.53 16.37 -26.89
CA GLU B 7 30.56 16.57 -25.89
C GLU B 7 31.92 16.31 -26.52
N SER B 8 32.89 17.16 -26.21
CA SER B 8 34.23 17.07 -26.77
C SER B 8 35.29 17.36 -25.73
N GLY B 9 36.53 17.00 -26.06
CA GLY B 9 37.68 17.37 -25.26
C GLY B 9 38.25 16.29 -24.38
N GLY B 10 37.63 15.12 -24.29
CA GLY B 10 38.15 14.09 -23.42
C GLY B 10 39.39 13.42 -23.97
N GLY B 11 40.00 12.62 -23.12
CA GLY B 11 41.27 12.00 -23.47
C GLY B 11 42.03 11.59 -22.24
N LEU B 12 43.20 11.04 -22.49
CA LEU B 12 44.08 10.52 -21.46
C LEU B 12 44.83 11.66 -20.77
N VAL B 13 44.75 11.70 -19.44
CA VAL B 13 45.41 12.73 -18.66
C VAL B 13 46.21 12.06 -17.57
N GLN B 14 47.49 12.46 -17.43
CA GLN B 14 48.23 11.97 -16.28
C GLN B 14 47.82 12.77 -15.06
N PRO B 15 47.91 12.19 -13.86
CA PRO B 15 47.44 12.81 -12.61
C PRO B 15 47.08 14.30 -12.55
N GLY B 16 47.71 15.02 -11.63
CA GLY B 16 47.37 16.40 -11.30
C GLY B 16 47.12 17.43 -12.39
N ARG B 17 47.02 16.99 -13.64
CA ARG B 17 46.92 17.91 -14.77
C ARG B 17 45.48 18.45 -14.87
N SER B 18 45.27 19.37 -15.82
CA SER B 18 43.97 19.97 -16.07
C SER B 18 43.42 19.62 -17.46
N LEU B 19 42.09 19.58 -17.55
CA LEU B 19 41.36 19.31 -18.78
C LEU B 19 40.09 20.16 -18.80
N ARG B 20 39.76 20.70 -19.97
CA ARG B 20 38.49 21.40 -20.17
C ARG B 20 37.66 20.69 -21.23
N LEU B 21 36.46 20.25 -20.86
CA LEU B 21 35.56 19.60 -21.80
C LEU B 21 34.61 20.61 -22.43
N SER B 22 34.27 20.39 -23.68
CA SER B 22 33.29 21.22 -24.36
C SER B 22 31.99 20.44 -24.56
N CYS B 23 30.89 21.17 -24.57
CA CYS B 23 29.57 20.63 -24.88
C CYS B 23 28.89 21.58 -25.86
N SER B 24 28.58 21.07 -27.05
CA SER B 24 28.00 21.84 -28.14
C SER B 24 26.53 21.47 -28.34
N ALA B 25 25.64 22.44 -28.17
CA ALA B 25 24.23 22.19 -28.40
C ALA B 25 23.82 22.65 -29.80
N SER B 26 22.66 22.15 -30.23
CA SER B 26 21.99 22.59 -31.45
C SER B 26 20.58 22.02 -31.41
N GLY B 27 19.60 22.79 -31.88
CA GLY B 27 18.24 22.32 -31.97
C GLY B 27 17.25 22.95 -31.02
N PHE B 28 17.69 23.85 -30.14
CA PHE B 28 16.81 24.58 -29.23
C PHE B 28 17.45 25.94 -28.91
N THR B 29 16.70 26.81 -28.24
CA THR B 29 17.25 28.13 -27.95
C THR B 29 18.15 27.99 -26.74
N PHE B 30 19.44 27.78 -27.01
CA PHE B 30 20.39 27.33 -26.00
C PHE B 30 20.26 28.12 -24.70
N GLY B 31 20.14 29.45 -24.80
CA GLY B 31 20.21 30.28 -23.61
C GLY B 31 19.07 30.07 -22.65
N ASP B 32 17.99 29.45 -23.10
CA ASP B 32 16.75 29.38 -22.34
C ASP B 32 16.69 28.15 -21.43
N TYR B 33 17.79 27.40 -21.32
CA TYR B 33 17.81 26.10 -20.67
C TYR B 33 19.00 25.97 -19.74
N ALA B 34 18.75 25.46 -18.53
CA ALA B 34 19.84 25.02 -17.68
C ALA B 34 20.59 23.88 -18.38
N MET B 35 21.86 23.74 -18.03
CA MET B 35 22.70 22.69 -18.57
C MET B 35 23.44 22.03 -17.42
N SER B 36 23.54 20.72 -17.48
CA SER B 36 24.09 19.93 -16.40
C SER B 36 25.11 18.95 -16.95
N TRP B 37 26.16 18.72 -16.16
CA TRP B 37 27.19 17.75 -16.49
C TRP B 37 27.01 16.49 -15.66
N PHE B 38 27.09 15.33 -16.32
CA PHE B 38 27.03 14.05 -15.63
C PHE B 38 28.24 13.23 -16.05
N ARG B 39 28.60 12.28 -15.21
CA ARG B 39 29.72 11.39 -15.51
C ARG B 39 29.36 9.95 -15.12
N LEU B 40 29.78 9.02 -15.95
CA LEU B 40 29.67 7.58 -15.71
C LEU B 40 31.07 7.03 -15.48
N ALA B 41 31.31 6.50 -14.28
CA ALA B 41 32.62 6.06 -13.83
C ALA B 41 32.66 4.54 -13.67
N PRO B 42 33.83 3.92 -13.82
CA PRO B 42 33.89 2.44 -13.82
C PRO B 42 33.36 1.84 -12.54
N GLY B 43 32.67 0.71 -12.66
CA GLY B 43 32.18 0.08 -11.45
C GLY B 43 31.05 0.83 -10.78
N LYS B 44 31.26 2.11 -10.51
CA LYS B 44 30.20 2.95 -9.97
C LYS B 44 29.07 3.11 -11.00
N GLY B 45 28.02 3.81 -10.62
CA GLY B 45 26.95 4.13 -11.55
C GLY B 45 27.12 5.52 -12.16
N LEU B 46 26.01 6.25 -12.23
CA LEU B 46 26.03 7.63 -12.71
C LEU B 46 26.21 8.62 -11.57
N GLU B 47 26.81 9.76 -11.90
CA GLU B 47 26.97 10.83 -10.93
C GLU B 47 26.66 12.18 -11.57
N TRP B 48 25.99 13.02 -10.81
CA TRP B 48 25.84 14.43 -11.16
C TRP B 48 27.16 15.16 -10.88
N VAL B 49 27.57 16.02 -11.80
CA VAL B 49 28.81 16.74 -11.58
C VAL B 49 28.54 18.19 -11.17
N GLY B 50 27.78 18.90 -11.99
CA GLY B 50 27.46 20.27 -11.64
C GLY B 50 26.37 20.80 -12.56
N LEU B 51 25.94 22.03 -12.27
CA LEU B 51 24.79 22.57 -12.97
C LEU B 51 25.02 24.05 -13.25
N ILE B 52 24.71 24.49 -14.47
CA ILE B 52 24.71 25.89 -14.84
C ILE B 52 23.32 26.27 -15.32
N LYS B 53 22.79 27.39 -14.79
CA LYS B 53 21.44 27.79 -15.11
C LYS B 53 21.40 28.75 -16.30
N SER B 54 20.18 29.02 -16.78
CA SER B 54 19.97 30.04 -17.78
C SER B 54 20.37 31.39 -17.18
N ARG B 55 20.94 32.29 -18.00
CA ARG B 55 21.35 33.56 -17.44
C ARG B 55 20.14 34.38 -16.97
N ALA B 56 18.93 34.10 -17.49
CA ALA B 56 17.71 34.75 -17.04
C ALA B 56 17.14 34.28 -15.69
N ILE B 57 17.91 33.54 -14.90
CA ILE B 57 17.46 33.10 -13.58
C ILE B 57 18.70 33.08 -12.69
N ASP B 58 19.75 32.43 -13.20
CA ASP B 58 21.09 32.33 -12.64
C ASP B 58 21.15 32.12 -11.12
N GLY B 59 22.13 32.76 -10.50
CA GLY B 59 22.46 32.50 -9.12
C GLY B 59 23.66 31.61 -8.90
N THR B 60 24.67 31.65 -9.81
CA THR B 60 25.95 30.95 -9.70
C THR B 60 25.88 29.45 -10.02
N PRO B 61 26.80 28.93 -10.82
CA PRO B 61 26.75 27.51 -11.16
C PRO B 61 26.98 26.67 -9.93
N GLN B 62 26.36 25.49 -9.92
CA GLN B 62 26.40 24.54 -8.81
C GLN B 62 27.26 23.34 -9.13
N TYR B 63 27.97 22.85 -8.14
CA TYR B 63 28.79 21.64 -8.28
C TYR B 63 28.35 20.62 -7.23
N ALA B 64 29.01 19.47 -7.21
CA ALA B 64 28.73 18.41 -6.25
C ALA B 64 29.96 18.16 -5.40
N ALA B 65 29.75 17.73 -4.15
CA ALA B 65 30.79 17.48 -3.16
C ALA B 65 32.17 17.04 -3.69
N SER B 66 32.26 15.91 -4.41
CA SER B 66 33.54 15.45 -4.97
C SER B 66 34.20 16.53 -5.81
N VAL B 67 33.37 17.32 -6.48
CA VAL B 67 33.73 18.41 -7.37
C VAL B 67 33.61 19.70 -6.53
N LYS B 68 34.60 19.92 -5.66
CA LYS B 68 34.54 21.05 -4.73
C LYS B 68 34.79 22.38 -5.44
N GLY B 69 35.93 22.99 -5.11
CA GLY B 69 36.48 24.21 -5.67
C GLY B 69 37.34 24.02 -6.90
N ARG B 70 37.46 22.79 -7.43
CA ARG B 70 38.38 22.49 -8.52
C ARG B 70 37.73 22.25 -9.87
N PHE B 71 36.44 21.94 -9.93
CA PHE B 71 35.77 21.95 -11.23
C PHE B 71 35.03 23.27 -11.35
N THR B 72 34.85 23.74 -12.58
CA THR B 72 34.28 25.06 -12.78
C THR B 72 33.43 24.99 -14.04
N ILE B 73 32.14 25.29 -13.94
CA ILE B 73 31.22 25.17 -15.07
C ILE B 73 30.86 26.55 -15.60
N SER B 74 30.74 26.65 -16.92
CA SER B 74 30.49 27.92 -17.59
C SER B 74 29.84 27.68 -18.94
N ARG B 75 29.27 28.75 -19.50
CA ARG B 75 28.55 28.69 -20.77
C ARG B 75 28.91 29.90 -21.63
N ASP B 76 28.69 29.75 -22.93
CA ASP B 76 28.82 30.84 -23.90
C ASP B 76 27.59 30.76 -24.80
N ASP B 77 26.56 31.55 -24.46
CA ASP B 77 25.31 31.54 -25.21
C ASP B 77 25.48 32.07 -26.62
N SER B 78 26.50 32.89 -26.88
CA SER B 78 26.69 33.42 -28.22
C SER B 78 27.09 32.34 -29.20
N ASN B 79 27.69 31.25 -28.72
CA ASN B 79 28.07 30.12 -29.55
C ASN B 79 27.40 28.83 -29.11
N SER B 80 26.40 28.92 -28.23
CA SER B 80 25.54 27.80 -27.88
C SER B 80 26.35 26.60 -27.39
N ILE B 81 27.14 26.85 -26.35
CA ILE B 81 28.18 25.95 -25.87
C ILE B 81 28.41 26.00 -24.35
N ALA B 82 28.29 24.85 -23.68
CA ALA B 82 28.64 24.74 -22.26
C ALA B 82 30.00 24.06 -22.10
N TYR B 83 30.64 24.32 -20.96
CA TYR B 83 32.01 23.94 -20.68
C TYR B 83 32.13 23.27 -19.31
N LEU B 84 33.09 22.36 -19.18
CA LEU B 84 33.50 21.88 -17.87
C LEU B 84 35.02 22.00 -17.74
N GLN B 85 35.46 22.80 -16.78
CA GLN B 85 36.89 22.93 -16.49
C GLN B 85 37.19 22.14 -15.22
N MET B 86 38.15 21.22 -15.34
CA MET B 86 38.61 20.40 -14.23
C MET B 86 40.08 20.66 -13.95
N ASN B 87 40.41 20.86 -12.69
CA ASN B 87 41.79 21.06 -12.26
C ASN B 87 42.15 20.01 -11.22
N SER B 88 43.44 19.66 -11.17
CA SER B 88 43.96 18.60 -10.29
C SER B 88 43.17 17.31 -10.49
N LEU B 89 43.11 16.86 -11.73
CA LEU B 89 42.32 15.67 -12.07
C LEU B 89 42.96 14.43 -11.47
N THR B 90 42.18 13.71 -10.66
CA THR B 90 42.60 12.45 -10.05
C THR B 90 41.97 11.25 -10.74
N THR B 91 42.49 10.06 -10.40
CA THR B 91 41.95 8.81 -10.95
C THR B 91 40.52 8.56 -10.50
N GLU B 92 40.13 9.11 -9.34
CA GLU B 92 38.73 9.02 -8.93
C GLU B 92 37.82 9.87 -9.81
N ASP B 93 38.40 10.56 -10.80
CA ASP B 93 37.66 11.31 -11.80
C ASP B 93 37.62 10.62 -13.15
N THR B 94 38.25 9.45 -13.29
CA THR B 94 38.16 8.74 -14.55
C THR B 94 36.71 8.38 -14.80
N ALA B 95 36.16 8.85 -15.92
CA ALA B 95 34.76 8.58 -16.25
C ALA B 95 34.49 9.07 -17.66
N ILE B 96 33.34 8.68 -18.15
CA ILE B 96 32.76 9.29 -19.34
C ILE B 96 31.92 10.46 -18.84
N TYR B 97 32.10 11.62 -19.46
CA TYR B 97 31.48 12.85 -18.99
C TYR B 97 30.36 13.23 -19.95
N TYR B 98 29.14 13.32 -19.41
CA TYR B 98 27.97 13.54 -20.23
C TYR B 98 27.40 14.93 -20.00
N CYS B 99 26.91 15.52 -21.08
CA CYS B 99 26.30 16.82 -21.08
C CYS B 99 24.80 16.63 -21.19
N ALA B 100 24.02 17.46 -20.48
CA ALA B 100 22.58 17.25 -20.48
C ALA B 100 21.86 18.59 -20.49
N ARG B 101 20.73 18.63 -21.20
CA ARG B 101 19.86 19.79 -21.23
C ARG B 101 18.71 19.58 -20.26
N ASP B 102 18.45 20.60 -19.44
CA ASP B 102 17.26 20.65 -18.61
C ASP B 102 16.01 20.37 -19.42
N PHE B 103 15.25 19.37 -19.00
CA PHE B 103 13.87 19.26 -19.42
C PHE B 103 13.20 20.53 -18.93
N TYR B 104 12.60 21.29 -19.83
CA TYR B 104 11.97 22.58 -19.50
C TYR B 104 12.93 23.75 -19.57
N ASP B 105 12.41 24.86 -20.08
CA ASP B 105 13.07 26.14 -20.11
C ASP B 105 12.90 26.85 -18.75
N PHE B 106 13.56 27.98 -18.61
CA PHE B 106 13.58 28.64 -17.32
C PHE B 106 12.19 29.09 -16.89
N TRP B 107 11.27 29.20 -17.85
CA TRP B 107 9.93 29.66 -17.50
C TRP B 107 9.30 28.74 -16.48
N ASN B 108 9.51 27.44 -16.62
CA ASN B 108 8.66 26.46 -15.97
C ASN B 108 9.00 26.30 -14.50
N GLU B 109 7.95 26.09 -13.69
CA GLU B 109 8.14 25.83 -12.27
C GLU B 109 8.94 24.56 -12.03
N PHE B 110 8.77 23.56 -12.91
CA PHE B 110 9.34 22.24 -12.76
C PHE B 110 10.77 22.16 -13.29
N SER B 111 11.36 23.27 -13.72
CA SER B 111 12.70 23.29 -14.24
C SER B 111 13.72 22.92 -13.16
N HIS B 112 14.96 22.68 -13.58
CA HIS B 112 16.07 22.29 -12.70
C HIS B 112 15.80 20.95 -12.02
N ARG B 113 15.01 20.10 -12.62
CA ARG B 113 14.65 18.88 -11.93
C ARG B 113 14.91 17.64 -12.74
N THR B 114 14.67 17.71 -14.04
CA THR B 114 14.75 16.58 -14.93
C THR B 114 15.63 16.97 -16.11
N PHE B 115 16.52 16.06 -16.50
CA PHE B 115 17.49 16.37 -17.55
C PHE B 115 17.40 15.33 -18.66
N ASP B 116 17.66 15.78 -19.87
CA ASP B 116 17.42 14.97 -21.05
C ASP B 116 18.55 15.21 -22.04
N PHE B 117 18.39 14.61 -23.23
CA PHE B 117 19.21 14.91 -24.41
C PHE B 117 20.70 14.70 -24.15
N TRP B 118 21.02 13.68 -23.37
CA TRP B 118 22.41 13.36 -23.14
C TRP B 118 23.09 13.19 -24.49
N GLY B 119 24.32 13.71 -24.60
CA GLY B 119 25.02 13.68 -25.88
C GLY B 119 25.50 12.29 -26.24
N GLN B 120 26.75 11.99 -25.91
CA GLN B 120 27.28 10.64 -26.03
C GLN B 120 28.31 10.45 -24.94
N GLY B 121 28.88 11.55 -24.48
CA GLY B 121 29.96 11.49 -23.52
C GLY B 121 31.33 11.53 -24.19
N THR B 122 32.32 11.93 -23.41
CA THR B 122 33.72 11.88 -23.81
C THR B 122 34.54 11.35 -22.63
N LEU B 123 35.42 10.39 -22.91
CA LEU B 123 36.14 9.68 -21.86
C LEU B 123 37.28 10.54 -21.32
N VAL B 124 37.40 10.59 -19.99
CA VAL B 124 38.58 11.16 -19.33
C VAL B 124 39.23 10.04 -18.53
N THR B 125 40.51 9.75 -18.84
CA THR B 125 41.31 8.74 -18.14
C THR B 125 42.48 9.39 -17.39
N VAL B 126 42.74 8.93 -16.17
CA VAL B 126 43.85 9.42 -15.34
C VAL B 126 44.79 8.27 -14.97
N SER B 127 46.06 8.42 -15.32
CA SER B 127 47.12 7.40 -15.30
C SER B 127 47.52 6.82 -13.96
N SER B 128 48.70 7.27 -13.51
CA SER B 128 49.29 6.92 -12.22
C SER B 128 48.88 7.92 -11.14
N ALA B 151 23.68 7.00 -1.62
CA ALA B 151 23.21 6.56 -2.93
C ALA B 151 21.78 6.05 -2.84
N LEU B 152 21.24 5.63 -3.97
CA LEU B 152 19.97 4.93 -4.02
C LEU B 152 20.25 3.48 -4.33
N THR B 153 19.46 2.57 -3.75
CA THR B 153 19.71 1.13 -3.84
C THR B 153 18.87 0.48 -4.92
N GLN B 154 19.51 -0.34 -5.74
CA GLN B 154 18.99 -0.87 -6.98
C GLN B 154 19.38 -2.34 -7.08
N PRO B 155 18.43 -3.23 -7.38
CA PRO B 155 18.78 -4.66 -7.52
C PRO B 155 19.77 -4.85 -8.64
N ALA B 156 20.88 -5.53 -8.34
CA ALA B 156 22.00 -5.65 -9.29
C ALA B 156 21.60 -6.26 -10.62
N SER B 157 20.59 -7.14 -10.63
CA SER B 157 20.33 -7.98 -11.78
C SER B 157 18.84 -8.27 -11.84
N ALA B 158 18.34 -8.34 -13.07
CA ALA B 158 16.94 -8.66 -13.32
C ALA B 158 16.89 -9.25 -14.72
N SER B 159 15.86 -10.05 -14.98
CA SER B 159 15.78 -10.77 -16.23
C SER B 159 14.34 -11.07 -16.56
N GLY B 160 14.12 -11.44 -17.83
CA GLY B 160 12.81 -11.80 -18.31
C GLY B 160 12.93 -12.42 -19.68
N SER B 161 11.81 -12.92 -20.18
CA SER B 161 11.75 -13.39 -21.56
C SER B 161 10.88 -12.46 -22.37
N PRO B 162 11.07 -12.40 -23.68
CA PRO B 162 10.25 -11.51 -24.51
C PRO B 162 8.76 -11.72 -24.23
N GLY B 163 8.07 -10.61 -24.01
CA GLY B 163 6.69 -10.62 -23.59
C GLY B 163 6.49 -10.59 -22.10
N GLN B 164 7.40 -11.18 -21.33
CA GLN B 164 7.29 -11.13 -19.89
C GLN B 164 7.54 -9.72 -19.36
N SER B 165 7.16 -9.51 -18.10
CA SER B 165 7.44 -8.28 -17.38
C SER B 165 8.59 -8.46 -16.40
N VAL B 166 9.06 -7.32 -15.92
CA VAL B 166 10.07 -7.26 -14.88
C VAL B 166 9.84 -5.94 -14.13
N THR B 167 10.21 -5.91 -12.86
CA THR B 167 10.12 -4.67 -12.12
C THR B 167 11.44 -4.46 -11.40
N ILE B 168 11.97 -3.25 -11.54
CA ILE B 168 13.19 -2.84 -10.88
C ILE B 168 12.84 -1.76 -9.87
N THR B 169 13.37 -1.89 -8.65
CA THR B 169 13.10 -1.00 -7.55
C THR B 169 14.29 -0.09 -7.24
N CYS B 170 13.96 1.08 -6.70
CA CYS B 170 14.93 2.12 -6.37
C CYS B 170 14.52 2.66 -5.01
N THR B 171 15.29 2.31 -3.98
CA THR B 171 14.96 2.64 -2.61
C THR B 171 15.85 3.78 -2.14
N GLY B 172 15.23 4.89 -1.75
CA GLY B 172 15.97 6.01 -1.21
C GLY B 172 15.52 6.34 0.19
N SER B 173 15.40 7.62 0.49
CA SER B 173 15.09 8.10 1.84
C SER B 173 14.02 9.17 1.76
N SER B 174 13.83 9.86 2.89
CA SER B 174 13.01 11.06 2.85
C SER B 174 13.69 12.18 2.05
N SER B 175 15.02 12.27 2.09
CA SER B 175 15.65 13.40 1.38
C SER B 175 15.66 13.26 -0.13
N ASP B 176 15.16 12.16 -0.69
CA ASP B 176 15.27 11.96 -2.12
C ASP B 176 14.00 11.34 -2.68
N VAL B 177 14.00 10.02 -2.91
CA VAL B 177 12.88 9.34 -3.58
C VAL B 177 11.56 9.63 -2.86
N GLY B 178 11.56 9.53 -1.53
CA GLY B 178 10.34 9.78 -0.80
C GLY B 178 10.11 11.23 -0.43
N GLY B 179 10.96 12.16 -0.87
CA GLY B 179 10.78 13.53 -0.46
C GLY B 179 10.26 14.43 -1.56
N TYR B 180 10.34 13.99 -2.81
CA TYR B 180 9.95 14.80 -3.94
C TYR B 180 9.26 13.90 -4.94
N LYS B 181 8.70 14.53 -5.97
CA LYS B 181 8.11 13.81 -7.07
C LYS B 181 8.97 14.02 -8.33
N TYR B 182 10.29 13.96 -8.14
CA TYR B 182 11.24 14.04 -9.24
C TYR B 182 12.18 12.82 -9.18
N VAL B 183 11.66 11.66 -9.59
CA VAL B 183 12.45 10.44 -9.76
C VAL B 183 12.46 10.10 -11.24
N SER B 184 13.66 9.97 -11.82
CA SER B 184 13.84 9.60 -13.22
C SER B 184 14.45 8.22 -13.36
N TRP B 185 14.24 7.62 -14.53
CA TRP B 185 14.88 6.36 -14.89
C TRP B 185 15.56 6.48 -16.23
N TYR B 186 16.82 6.09 -16.28
CA TYR B 186 17.62 6.09 -17.49
C TYR B 186 17.90 4.67 -17.95
N GLN B 187 17.98 4.52 -19.27
CA GLN B 187 18.40 3.31 -19.93
C GLN B 187 19.77 3.59 -20.52
N HIS B 188 20.72 2.68 -20.31
CA HIS B 188 22.08 2.88 -20.80
C HIS B 188 22.47 1.67 -21.61
N HIS B 189 22.77 1.86 -22.81
CA HIS B 189 23.38 0.79 -23.55
C HIS B 189 24.88 1.05 -23.58
N PRO B 190 25.74 0.06 -23.21
CA PRO B 190 27.18 0.33 -23.10
C PRO B 190 27.74 0.95 -24.37
N GLY B 191 28.29 2.16 -24.26
CA GLY B 191 28.80 2.87 -25.41
C GLY B 191 27.82 3.84 -26.04
N LYS B 192 26.62 3.96 -25.52
CA LYS B 192 25.64 4.91 -26.02
C LYS B 192 25.27 5.86 -24.89
N ALA B 193 24.74 7.01 -25.26
CA ALA B 193 24.39 8.00 -24.27
C ALA B 193 23.12 7.55 -23.53
N PRO B 194 23.09 7.67 -22.20
CA PRO B 194 21.91 7.24 -21.46
C PRO B 194 20.70 8.00 -21.96
N LYS B 195 19.53 7.37 -21.83
CA LYS B 195 18.29 7.89 -22.40
C LYS B 195 17.22 7.94 -21.32
N LEU B 196 16.56 9.10 -21.19
CA LEU B 196 15.48 9.25 -20.22
C LEU B 196 14.28 8.40 -20.61
N MET B 197 13.92 7.45 -19.76
CA MET B 197 12.77 6.60 -19.98
C MET B 197 11.54 7.04 -19.18
N ILE B 198 11.73 7.46 -17.94
CA ILE B 198 10.65 7.91 -17.08
C ILE B 198 11.14 9.14 -16.33
N TYR B 199 10.26 10.14 -16.17
CA TYR B 199 10.64 11.32 -15.40
C TYR B 199 9.46 11.77 -14.53
N GLU B 200 9.78 12.57 -13.50
CA GLU B 200 8.78 13.00 -12.51
C GLU B 200 7.94 11.81 -12.06
N VAL B 201 8.66 10.78 -11.62
CA VAL B 201 8.15 9.53 -11.06
C VAL B 201 7.57 8.64 -12.15
N SER B 202 6.63 9.16 -12.92
CA SER B 202 5.84 8.28 -13.76
C SER B 202 5.61 8.77 -15.17
N LYS B 203 6.22 9.88 -15.57
CA LYS B 203 5.94 10.47 -16.87
C LYS B 203 6.88 9.91 -17.93
N ARG B 204 6.34 9.70 -19.15
CA ARG B 204 7.12 9.23 -20.30
C ARG B 204 7.42 10.37 -21.28
N PRO B 205 8.69 10.52 -21.64
CA PRO B 205 9.06 11.47 -22.70
C PRO B 205 8.43 11.10 -24.03
N SER B 206 8.62 12.00 -25.01
CA SER B 206 8.12 11.78 -26.36
C SER B 206 8.74 10.54 -26.95
N GLY B 207 7.92 9.57 -27.35
CA GLY B 207 8.48 8.44 -28.07
C GLY B 207 9.10 7.36 -27.22
N VAL B 208 8.80 7.32 -25.93
CA VAL B 208 9.14 6.21 -25.06
C VAL B 208 7.97 5.24 -25.10
N PRO B 209 8.21 3.96 -25.37
CA PRO B 209 7.08 3.02 -25.47
C PRO B 209 6.30 2.99 -24.17
N ASP B 210 4.98 3.00 -24.32
CA ASP B 210 4.07 2.92 -23.18
C ASP B 210 4.25 1.66 -22.33
N ARG B 211 5.11 0.72 -22.74
CA ARG B 211 5.34 -0.45 -21.91
C ARG B 211 6.29 -0.17 -20.75
N PHE B 212 6.97 0.99 -20.72
CA PHE B 212 7.72 1.42 -19.54
C PHE B 212 6.81 2.20 -18.60
N SER B 213 6.81 1.81 -17.33
CA SER B 213 5.91 2.37 -16.33
C SER B 213 6.72 2.80 -15.12
N GLY B 214 6.38 3.96 -14.59
CA GLY B 214 7.06 4.53 -13.45
C GLY B 214 6.09 4.58 -12.29
N SER B 215 6.62 4.43 -11.08
CA SER B 215 5.76 4.41 -9.90
C SER B 215 6.62 4.62 -8.66
N LYS B 216 5.95 4.97 -7.58
CA LYS B 216 6.61 5.32 -6.33
C LYS B 216 5.63 5.09 -5.19
N SER B 217 6.19 4.78 -4.03
CA SER B 217 5.42 4.64 -2.79
C SER B 217 6.41 4.72 -1.64
N GLY B 218 6.19 5.63 -0.70
CA GLY B 218 7.15 5.81 0.36
C GLY B 218 8.52 6.17 -0.17
N ASN B 219 9.55 5.51 0.35
CA ASN B 219 10.92 5.84 0.00
C ASN B 219 11.48 4.97 -1.13
N MET B 220 10.63 4.28 -1.88
CA MET B 220 11.11 3.30 -2.85
C MET B 220 10.34 3.48 -4.14
N ALA B 221 11.05 3.83 -5.21
CA ALA B 221 10.46 3.93 -6.53
C ALA B 221 10.72 2.65 -7.32
N SER B 222 9.83 2.33 -8.24
CA SER B 222 9.99 1.14 -9.04
C SER B 222 9.59 1.43 -10.49
N LEU B 223 10.37 0.88 -11.41
CA LEU B 223 10.14 0.93 -12.85
C LEU B 223 9.66 -0.44 -13.30
N THR B 224 8.73 -0.48 -14.25
CA THR B 224 8.27 -1.76 -14.77
C THR B 224 8.16 -1.70 -16.28
N VAL B 225 8.94 -2.52 -16.98
CA VAL B 225 8.80 -2.66 -18.42
C VAL B 225 7.94 -3.89 -18.64
N SER B 226 6.67 -3.66 -18.92
CA SER B 226 5.79 -4.74 -19.29
C SER B 226 6.11 -5.14 -20.71
N GLY B 227 5.92 -6.42 -21.01
CA GLY B 227 6.17 -6.93 -22.35
C GLY B 227 7.52 -6.55 -22.92
N LEU B 228 8.60 -7.04 -22.29
CA LEU B 228 9.97 -6.79 -22.70
C LEU B 228 10.21 -7.04 -24.17
N GLN B 229 11.35 -6.57 -24.68
CA GLN B 229 11.77 -6.79 -26.07
C GLN B 229 13.30 -6.85 -26.05
N ALA B 230 13.86 -7.44 -27.11
CA ALA B 230 15.31 -7.67 -27.16
C ALA B 230 16.11 -6.38 -26.99
N GLU B 231 15.63 -5.29 -27.61
CA GLU B 231 16.32 -4.00 -27.51
C GLU B 231 16.36 -3.44 -26.07
N ASP B 232 15.61 -4.03 -25.14
CA ASP B 232 15.53 -3.52 -23.77
C ASP B 232 16.67 -4.02 -22.88
N GLU B 233 17.64 -4.69 -23.45
CA GLU B 233 18.74 -5.24 -22.66
C GLU B 233 19.70 -4.09 -22.39
N ALA B 234 19.68 -3.55 -21.19
CA ALA B 234 20.53 -2.40 -20.89
C ALA B 234 20.76 -2.32 -19.40
N ASP B 235 21.57 -1.36 -18.98
CA ASP B 235 21.65 -0.98 -17.58
C ASP B 235 20.64 0.13 -17.39
N TYR B 236 19.89 0.06 -16.29
CA TYR B 236 18.89 1.08 -15.97
C TYR B 236 19.26 1.72 -14.64
N TYR B 237 19.48 3.02 -14.65
CA TYR B 237 19.83 3.75 -13.43
C TYR B 237 18.63 4.59 -12.97
N CYS B 238 18.46 4.71 -11.67
CA CYS B 238 17.41 5.55 -11.11
C CYS B 238 18.02 6.78 -10.49
N SER B 239 17.25 7.86 -10.45
CA SER B 239 17.71 9.14 -9.94
C SER B 239 16.61 9.86 -9.18
N SER B 240 17.03 10.68 -8.22
CA SER B 240 16.11 11.54 -7.50
C SER B 240 16.75 12.89 -7.25
N TYR B 241 15.92 13.94 -7.32
CA TYR B 241 16.24 15.21 -6.68
C TYR B 241 16.49 15.00 -5.19
N ALA B 242 17.49 15.68 -4.64
CA ALA B 242 17.89 15.39 -3.27
C ALA B 242 18.03 16.66 -2.42
N GLY B 243 17.21 17.68 -2.69
CA GLY B 243 17.27 18.90 -1.92
C GLY B 243 18.34 19.90 -2.35
N SER B 244 18.42 20.96 -1.53
CA SER B 244 19.28 22.09 -1.84
C SER B 244 20.75 21.67 -1.93
N TYR B 245 21.21 20.83 -1.00
CA TYR B 245 22.63 20.55 -0.81
C TYR B 245 23.16 19.51 -1.80
N ASN B 246 22.48 18.37 -1.90
CA ASN B 246 22.95 17.29 -2.75
C ASN B 246 22.42 17.38 -4.19
N PHE B 247 21.35 18.15 -4.42
CA PHE B 247 20.68 18.26 -5.71
C PHE B 247 20.18 16.89 -6.16
N TYR B 248 20.97 16.13 -6.93
CA TYR B 248 20.66 14.75 -7.32
C TYR B 248 21.38 13.67 -6.52
N VAL B 249 20.83 12.45 -6.63
CA VAL B 249 21.47 11.18 -6.30
C VAL B 249 21.02 10.16 -7.33
N PHE B 250 21.83 9.10 -7.47
CA PHE B 250 21.58 8.05 -8.44
C PHE B 250 21.51 6.69 -7.75
N GLY B 251 20.95 5.70 -8.45
CA GLY B 251 21.15 4.32 -8.06
C GLY B 251 22.38 3.68 -8.74
N ASN B 252 22.74 2.49 -8.27
CA ASN B 252 23.88 1.79 -8.84
C ASN B 252 23.51 1.06 -10.13
N GLY B 253 22.25 1.11 -10.52
CA GLY B 253 22.01 0.57 -11.82
C GLY B 253 21.75 -0.91 -11.75
N THR B 254 20.91 -1.36 -12.67
CA THR B 254 20.47 -2.74 -12.74
C THR B 254 20.54 -3.21 -14.17
N LYS B 255 21.31 -4.26 -14.42
CA LYS B 255 21.34 -4.81 -15.76
C LYS B 255 20.13 -5.66 -15.97
N VAL B 256 19.27 -5.24 -16.87
CA VAL B 256 18.12 -6.04 -17.28
C VAL B 256 18.57 -6.91 -18.44
N THR B 257 18.27 -8.19 -18.34
CA THR B 257 18.80 -9.16 -19.28
C THR B 257 17.62 -9.85 -19.93
N VAL B 258 17.68 -10.04 -21.24
CA VAL B 258 16.60 -10.67 -21.98
C VAL B 258 17.12 -12.05 -22.40
N LEU B 259 16.38 -13.10 -22.02
CA LEU B 259 16.92 -14.47 -21.90
C LEU B 259 17.31 -15.05 -23.26
N GLY B 260 18.60 -15.02 -23.56
CA GLY B 260 19.18 -15.73 -24.69
C GLY B 260 19.76 -17.05 -24.21
N GLU C 2 -17.43 -23.54 1.45
CA GLU C 2 -17.35 -22.16 1.89
C GLU C 2 -16.02 -21.86 2.57
N VAL C 3 -15.28 -20.88 2.02
CA VAL C 3 -14.00 -20.33 2.46
C VAL C 3 -12.88 -21.10 1.79
N GLN C 4 -12.54 -20.69 0.58
CA GLN C 4 -11.47 -21.29 -0.19
C GLN C 4 -10.55 -20.18 -0.69
N LEU C 5 -9.24 -20.45 -0.63
CA LEU C 5 -8.18 -19.60 -1.15
C LEU C 5 -7.44 -20.41 -2.21
N VAL C 6 -7.28 -19.86 -3.42
CA VAL C 6 -6.72 -20.68 -4.49
C VAL C 6 -5.54 -19.83 -5.02
N GLU C 7 -4.34 -20.32 -4.85
CA GLU C 7 -3.14 -19.64 -5.31
C GLU C 7 -2.63 -20.20 -6.61
N SER C 8 -2.33 -19.29 -7.53
CA SER C 8 -2.00 -19.63 -8.88
C SER C 8 -0.77 -18.83 -9.25
N GLY C 9 -0.16 -19.24 -10.33
CA GLY C 9 1.08 -18.66 -10.76
C GLY C 9 2.19 -19.59 -10.33
N GLY C 10 3.41 -19.10 -10.44
CA GLY C 10 4.55 -19.93 -10.09
C GLY C 10 4.86 -20.97 -11.15
N GLY C 11 6.01 -21.56 -10.98
CA GLY C 11 6.57 -22.45 -11.99
C GLY C 11 8.07 -22.40 -11.86
N LEU C 12 8.75 -23.07 -12.79
CA LEU C 12 10.19 -22.95 -12.82
C LEU C 12 10.55 -21.68 -13.58
N VAL C 13 11.33 -20.79 -12.94
CA VAL C 13 11.72 -19.50 -13.50
C VAL C 13 13.22 -19.28 -13.34
N GLN C 14 13.81 -18.54 -14.30
CA GLN C 14 15.22 -18.17 -14.23
C GLN C 14 15.47 -17.11 -13.15
N PRO C 15 16.68 -17.05 -12.60
CA PRO C 15 16.93 -16.12 -11.49
C PRO C 15 16.86 -14.67 -11.97
N GLY C 16 16.79 -13.76 -11.00
CA GLY C 16 16.61 -12.35 -11.29
C GLY C 16 15.28 -12.05 -11.95
N ARG C 17 14.39 -13.04 -12.02
CA ARG C 17 13.13 -12.81 -12.69
C ARG C 17 12.11 -12.12 -11.75
N SER C 18 11.01 -11.63 -12.34
CA SER C 18 9.90 -11.07 -11.58
C SER C 18 8.67 -11.94 -11.81
N LEU C 19 7.91 -12.18 -10.73
CA LEU C 19 6.78 -13.11 -10.74
C LEU C 19 5.66 -12.59 -9.84
N ARG C 20 4.41 -12.69 -10.32
CA ARG C 20 3.26 -12.28 -9.52
C ARG C 20 2.37 -13.48 -9.21
N LEU C 21 2.20 -13.78 -7.93
CA LEU C 21 1.30 -14.83 -7.52
C LEU C 21 -0.06 -14.25 -7.24
N SER C 22 -1.10 -15.00 -7.61
CA SER C 22 -2.47 -14.65 -7.33
C SER C 22 -2.96 -15.46 -6.14
N CYS C 23 -3.82 -14.85 -5.35
CA CYS C 23 -4.52 -15.60 -4.32
C CYS C 23 -5.98 -15.23 -4.42
N SER C 24 -6.81 -16.18 -4.84
CA SER C 24 -8.22 -15.92 -5.07
C SER C 24 -9.00 -16.49 -3.90
N ALA C 25 -9.60 -15.60 -3.14
CA ALA C 25 -10.40 -15.99 -2.00
C ALA C 25 -11.84 -16.04 -2.43
N SER C 26 -12.65 -16.73 -1.65
CA SER C 26 -14.08 -16.82 -1.90
C SER C 26 -14.70 -17.41 -0.64
N GLY C 27 -15.92 -16.97 -0.34
CA GLY C 27 -16.67 -17.54 0.75
C GLY C 27 -16.78 -16.67 1.99
N PHE C 28 -16.16 -15.50 1.98
CA PHE C 28 -16.20 -14.55 3.08
C PHE C 28 -16.10 -13.16 2.48
N THR C 29 -16.31 -12.13 3.30
CA THR C 29 -16.31 -10.75 2.80
C THR C 29 -14.88 -10.25 2.77
N PHE C 30 -14.26 -10.39 1.60
CA PHE C 30 -12.82 -10.27 1.49
C PHE C 30 -12.29 -9.05 2.22
N GLY C 31 -12.98 -7.92 2.09
CA GLY C 31 -12.40 -6.67 2.52
C GLY C 31 -12.14 -6.56 4.01
N ASP C 32 -12.78 -7.40 4.82
CA ASP C 32 -12.69 -7.23 6.27
C ASP C 32 -11.58 -8.05 6.90
N TYR C 33 -10.77 -8.77 6.13
CA TYR C 33 -9.83 -9.72 6.71
C TYR C 33 -8.44 -9.44 6.17
N ALA C 34 -7.48 -9.34 7.08
CA ALA C 34 -6.09 -9.31 6.70
C ALA C 34 -5.73 -10.56 5.89
N MET C 35 -4.65 -10.43 5.10
CA MET C 35 -4.15 -11.53 4.30
C MET C 35 -2.66 -11.61 4.46
N SER C 36 -2.13 -12.84 4.57
CA SER C 36 -0.71 -13.07 4.80
C SER C 36 -0.18 -14.12 3.84
N TRP C 37 1.04 -13.92 3.35
CA TRP C 37 1.71 -14.87 2.48
C TRP C 37 2.81 -15.62 3.24
N PHE C 38 2.84 -16.94 3.11
CA PHE C 38 3.86 -17.77 3.73
C PHE C 38 4.51 -18.67 2.67
N ARG C 39 5.72 -19.14 2.96
CA ARG C 39 6.42 -20.02 2.03
C ARG C 39 7.06 -21.21 2.75
N LEU C 40 6.97 -22.40 2.15
CA LEU C 40 7.66 -23.59 2.64
C LEU C 40 8.81 -23.89 1.70
N ALA C 41 10.03 -23.80 2.21
CA ALA C 41 11.22 -23.93 1.36
C ALA C 41 12.01 -25.19 1.70
N PRO C 42 12.73 -25.76 0.72
CA PRO C 42 13.35 -27.06 0.96
C PRO C 42 14.32 -27.09 2.11
N GLY C 43 15.20 -26.11 2.22
CA GLY C 43 16.13 -26.23 3.33
C GLY C 43 15.50 -26.02 4.68
N LYS C 44 14.95 -24.81 4.88
CA LYS C 44 14.28 -24.38 6.11
C LYS C 44 12.92 -25.07 6.29
N GLY C 45 12.21 -24.64 7.33
CA GLY C 45 10.85 -25.08 7.54
C GLY C 45 9.90 -24.08 6.91
N LEU C 46 8.87 -23.65 7.64
CA LEU C 46 7.93 -22.63 7.16
C LEU C 46 8.43 -21.24 7.50
N GLU C 47 8.07 -20.28 6.65
CA GLU C 47 8.46 -18.89 6.85
C GLU C 47 7.28 -17.98 6.56
N TRP C 48 7.12 -16.94 7.38
CA TRP C 48 6.21 -15.86 7.04
C TRP C 48 6.85 -14.99 5.96
N VAL C 49 6.09 -14.64 4.94
CA VAL C 49 6.60 -13.79 3.86
C VAL C 49 6.12 -12.36 4.03
N GLY C 50 4.81 -12.15 4.11
CA GLY C 50 4.34 -10.79 4.28
C GLY C 50 2.89 -10.76 4.71
N LEU C 51 2.42 -9.53 4.95
CA LEU C 51 1.08 -9.30 5.49
C LEU C 51 0.51 -8.02 4.89
N ILE C 52 -0.76 -8.07 4.47
CA ILE C 52 -1.52 -6.88 4.11
C ILE C 52 -2.80 -6.86 4.96
N LYS C 53 -3.09 -5.70 5.55
CA LYS C 53 -4.25 -5.62 6.41
C LYS C 53 -5.48 -5.24 5.61
N SER C 54 -6.62 -5.24 6.30
CA SER C 54 -7.82 -4.71 5.72
C SER C 54 -7.65 -3.22 5.50
N ARG C 55 -8.25 -2.69 4.44
CA ARG C 55 -8.17 -1.26 4.20
C ARG C 55 -8.82 -0.48 5.32
N ALA C 56 -9.70 -1.12 6.10
CA ALA C 56 -10.28 -0.45 7.26
C ALA C 56 -9.31 -0.26 8.40
N ILE C 57 -8.05 -0.60 8.16
CA ILE C 57 -6.96 -0.44 9.11
C ILE C 57 -5.73 -0.10 8.27
N ASP C 58 -5.47 -0.95 7.26
CA ASP C 58 -4.43 -0.85 6.24
C ASP C 58 -3.18 -0.13 6.70
N GLY C 59 -2.90 0.99 6.06
CA GLY C 59 -1.66 1.68 6.28
C GLY C 59 -0.68 1.28 5.21
N THR C 60 0.11 0.23 5.50
CA THR C 60 1.15 -0.28 4.61
C THR C 60 1.48 -1.72 4.95
N PRO C 61 1.65 -2.60 3.95
CA PRO C 61 1.96 -3.99 4.25
C PRO C 61 3.32 -4.12 4.89
N GLN C 62 3.46 -5.14 5.73
CA GLN C 62 4.72 -5.43 6.39
C GLN C 62 5.29 -6.69 5.77
N TYR C 63 6.61 -6.69 5.58
CA TYR C 63 7.31 -7.79 4.97
C TYR C 63 8.31 -8.35 5.96
N ALA C 64 9.04 -9.36 5.51
CA ALA C 64 10.00 -10.06 6.35
C ALA C 64 11.39 -9.59 5.98
N ALA C 65 12.27 -9.51 6.98
CA ALA C 65 13.62 -8.98 6.80
C ALA C 65 14.21 -9.25 5.41
N SER C 66 14.40 -10.53 5.08
CA SER C 66 14.93 -11.02 3.80
C SER C 66 14.11 -10.60 2.58
N VAL C 67 12.87 -10.15 2.80
CA VAL C 67 11.91 -9.92 1.72
C VAL C 67 11.81 -8.47 1.27
N LYS C 68 12.20 -7.51 2.12
CA LYS C 68 11.92 -6.10 1.89
C LYS C 68 12.63 -5.61 0.63
N GLY C 69 11.94 -4.74 -0.10
CA GLY C 69 12.48 -4.09 -1.27
C GLY C 69 12.44 -4.91 -2.53
N ARG C 70 12.18 -6.21 -2.43
CA ARG C 70 12.02 -7.03 -3.62
C ARG C 70 10.63 -7.55 -3.75
N PHE C 71 9.96 -7.83 -2.64
CA PHE C 71 8.60 -8.33 -2.65
C PHE C 71 7.65 -7.19 -2.30
N THR C 72 6.46 -7.27 -2.85
CA THR C 72 5.50 -6.19 -2.69
C THR C 72 4.11 -6.83 -2.69
N ILE C 73 3.37 -6.66 -1.62
CA ILE C 73 2.07 -7.30 -1.47
C ILE C 73 0.98 -6.26 -1.66
N SER C 74 -0.12 -6.69 -2.25
CA SER C 74 -1.20 -5.80 -2.62
C SER C 74 -2.48 -6.61 -2.65
N ARG C 75 -3.59 -5.92 -2.71
CA ARG C 75 -4.90 -6.53 -2.56
C ARG C 75 -5.83 -5.95 -3.62
N ASP C 76 -6.91 -6.67 -3.93
CA ASP C 76 -7.98 -6.14 -4.78
C ASP C 76 -9.31 -6.57 -4.17
N ASP C 77 -10.00 -5.67 -3.45
CA ASP C 77 -11.22 -6.06 -2.73
C ASP C 77 -12.40 -6.42 -3.64
N SER C 78 -12.58 -5.73 -4.80
CA SER C 78 -13.73 -6.01 -5.67
C SER C 78 -13.65 -7.39 -6.32
N ASN C 79 -12.46 -8.00 -6.37
CA ASN C 79 -12.35 -9.32 -6.97
C ASN C 79 -11.82 -10.37 -6.01
N SER C 80 -11.82 -10.10 -4.72
CA SER C 80 -11.44 -11.06 -3.70
C SER C 80 -10.09 -11.67 -4.02
N ILE C 81 -9.09 -10.81 -4.25
CA ILE C 81 -7.82 -11.34 -4.70
C ILE C 81 -6.67 -10.50 -4.17
N ALA C 82 -5.75 -11.13 -3.44
CA ALA C 82 -4.50 -10.55 -2.98
C ALA C 82 -3.36 -11.09 -3.84
N TYR C 83 -2.25 -10.35 -3.89
CA TYR C 83 -1.14 -10.67 -4.78
C TYR C 83 0.18 -10.60 -4.02
N LEU C 84 1.14 -11.42 -4.47
CA LEU C 84 2.53 -11.28 -4.09
C LEU C 84 3.33 -11.14 -5.37
N GLN C 85 4.00 -10.00 -5.52
CA GLN C 85 4.90 -9.73 -6.62
C GLN C 85 6.32 -9.91 -6.12
N MET C 86 7.07 -10.78 -6.77
CA MET C 86 8.44 -11.09 -6.39
C MET C 86 9.34 -10.58 -7.50
N ASN C 87 10.39 -9.86 -7.11
CA ASN C 87 11.33 -9.28 -8.05
C ASN C 87 12.73 -9.74 -7.70
N SER C 88 13.59 -9.81 -8.71
CA SER C 88 14.99 -10.25 -8.54
C SER C 88 15.08 -11.57 -7.76
N LEU C 89 14.37 -12.58 -8.28
CA LEU C 89 14.34 -13.90 -7.65
C LEU C 89 15.70 -14.58 -7.67
N THR C 90 16.12 -15.06 -6.53
CA THR C 90 17.32 -15.88 -6.42
C THR C 90 16.90 -17.34 -6.19
N THR C 91 17.88 -18.24 -6.22
CA THR C 91 17.54 -19.63 -5.93
C THR C 91 17.03 -19.80 -4.52
N GLU C 92 17.40 -18.91 -3.60
CA GLU C 92 16.90 -18.98 -2.22
C GLU C 92 15.42 -18.65 -2.11
N ASP C 93 14.76 -18.42 -3.21
CA ASP C 93 13.33 -18.17 -3.23
C ASP C 93 12.53 -19.41 -3.61
N THR C 94 13.19 -20.51 -3.91
CA THR C 94 12.45 -21.72 -4.21
C THR C 94 11.72 -22.19 -2.97
N ALA C 95 10.40 -22.32 -3.08
CA ALA C 95 9.56 -22.75 -1.99
C ALA C 95 8.18 -22.98 -2.58
N ILE C 96 7.31 -23.57 -1.78
CA ILE C 96 5.89 -23.50 -2.06
C ILE C 96 5.38 -22.26 -1.37
N TYR C 97 4.61 -21.45 -2.09
CA TYR C 97 4.15 -20.17 -1.62
C TYR C 97 2.69 -20.30 -1.24
N TYR C 98 2.36 -19.97 0.01
CA TYR C 98 1.02 -20.14 0.55
C TYR C 98 0.41 -18.79 0.87
N CYS C 99 -0.89 -18.67 0.60
CA CYS C 99 -1.68 -17.50 0.93
C CYS C 99 -2.65 -17.84 2.04
N ALA C 100 -2.79 -16.96 3.04
CA ALA C 100 -3.57 -17.32 4.22
C ALA C 100 -4.38 -16.14 4.75
N ARG C 101 -5.57 -16.44 5.26
CA ARG C 101 -6.49 -15.45 5.82
C ARG C 101 -6.36 -15.33 7.33
N ASP C 102 -6.40 -14.09 7.83
CA ASP C 102 -6.54 -13.83 9.27
C ASP C 102 -7.67 -14.66 9.85
N PHE C 103 -7.43 -15.26 11.03
CA PHE C 103 -8.51 -15.95 11.73
C PHE C 103 -9.68 -15.03 12.02
N TYR C 104 -9.42 -13.75 12.30
CA TYR C 104 -10.48 -12.79 12.62
C TYR C 104 -10.55 -11.68 11.58
N ASP C 105 -11.63 -10.90 11.66
CA ASP C 105 -11.78 -9.65 10.91
C ASP C 105 -11.14 -8.48 11.66
N PHE C 106 -11.12 -7.31 11.02
CA PHE C 106 -10.39 -6.20 11.61
C PHE C 106 -11.00 -5.75 12.93
N TRP C 107 -12.28 -6.01 13.16
CA TRP C 107 -12.91 -5.55 14.38
C TRP C 107 -12.21 -6.10 15.61
N ASN C 108 -11.73 -7.34 15.54
CA ASN C 108 -11.38 -8.10 16.74
C ASN C 108 -10.03 -7.70 17.33
N GLU C 109 -9.97 -7.66 18.67
CA GLU C 109 -8.76 -7.30 19.40
C GLU C 109 -7.60 -8.24 19.09
N PHE C 110 -7.88 -9.50 18.82
CA PHE C 110 -6.87 -10.51 18.55
C PHE C 110 -6.55 -10.71 17.06
N SER C 111 -7.03 -9.82 16.18
CA SER C 111 -6.73 -9.95 14.77
C SER C 111 -5.23 -9.76 14.53
N HIS C 112 -4.78 -10.13 13.34
CA HIS C 112 -3.36 -10.07 12.93
C HIS C 112 -2.48 -10.98 13.79
N ARG C 113 -3.04 -12.08 14.30
CA ARG C 113 -2.31 -12.94 15.22
C ARG C 113 -2.35 -14.40 14.81
N THR C 114 -3.45 -14.84 14.20
CA THR C 114 -3.68 -16.25 13.85
C THR C 114 -4.11 -16.37 12.40
N PHE C 115 -3.54 -17.34 11.69
CA PHE C 115 -3.81 -17.46 10.26
C PHE C 115 -4.32 -18.84 9.91
N ASP C 116 -5.28 -18.87 8.99
CA ASP C 116 -6.04 -20.07 8.69
C ASP C 116 -6.35 -20.12 7.18
N PHE C 117 -7.07 -21.17 6.79
CA PHE C 117 -7.60 -21.34 5.43
C PHE C 117 -6.51 -21.24 4.37
N TRP C 118 -5.29 -21.62 4.76
CA TRP C 118 -4.17 -21.63 3.83
C TRP C 118 -4.58 -22.37 2.57
N GLY C 119 -4.18 -21.87 1.40
CA GLY C 119 -4.52 -22.58 0.20
C GLY C 119 -3.61 -23.78 -0.03
N GLN C 120 -3.68 -24.30 -1.24
CA GLN C 120 -2.86 -25.47 -1.57
C GLN C 120 -1.40 -25.08 -1.79
N GLY C 121 -1.12 -23.82 -2.07
CA GLY C 121 0.23 -23.43 -2.42
C GLY C 121 0.45 -23.41 -3.93
N THR C 122 1.48 -22.68 -4.34
CA THR C 122 1.92 -22.72 -5.72
C THR C 122 3.45 -22.79 -5.68
N LEU C 123 4.03 -23.76 -6.37
CA LEU C 123 5.47 -23.99 -6.26
C LEU C 123 6.20 -23.02 -7.18
N VAL C 124 7.25 -22.39 -6.67
CA VAL C 124 8.15 -21.62 -7.51
C VAL C 124 9.55 -22.21 -7.38
N THR C 125 10.09 -22.71 -8.50
CA THR C 125 11.46 -23.24 -8.56
C THR C 125 12.29 -22.25 -9.36
N VAL C 126 13.46 -21.92 -8.85
CA VAL C 126 14.33 -20.93 -9.47
C VAL C 126 15.60 -21.66 -9.83
N SER C 127 15.95 -21.63 -11.12
CA SER C 127 17.05 -22.40 -11.68
C SER C 127 18.38 -21.97 -11.08
N SER C 128 19.42 -22.73 -11.43
CA SER C 128 20.78 -22.38 -11.02
C SER C 128 21.40 -21.33 -11.92
N GLN C 149 19.88 -18.53 13.99
CA GLN C 149 19.65 -17.69 15.16
C GLN C 149 18.28 -17.02 15.02
N SER C 150 17.30 -17.82 14.60
CA SER C 150 15.95 -17.33 14.32
C SER C 150 15.04 -18.49 13.94
N ALA C 151 14.44 -19.14 14.93
CA ALA C 151 13.54 -20.27 14.75
C ALA C 151 13.09 -20.71 16.14
N LEU C 152 12.14 -21.65 16.17
CA LEU C 152 11.81 -22.38 17.39
C LEU C 152 12.29 -23.83 17.27
N THR C 153 12.65 -24.41 18.41
CA THR C 153 13.27 -25.72 18.40
C THR C 153 12.20 -26.79 18.53
N GLN C 154 12.24 -27.76 17.63
CA GLN C 154 11.20 -28.72 17.51
C GLN C 154 11.87 -30.05 17.17
N PRO C 155 11.58 -31.11 17.91
CA PRO C 155 12.25 -32.40 17.65
C PRO C 155 11.96 -32.91 16.24
N ALA C 156 12.99 -33.49 15.61
CA ALA C 156 12.87 -33.95 14.22
C ALA C 156 11.78 -35.00 14.05
N SER C 157 11.57 -35.84 15.06
CA SER C 157 10.71 -37.01 14.87
C SER C 157 10.09 -37.47 16.19
N ALA C 158 8.89 -38.01 16.05
CA ALA C 158 8.18 -38.59 17.18
C ALA C 158 7.21 -39.61 16.60
N SER C 159 6.80 -40.58 17.43
CA SER C 159 5.96 -41.65 16.91
C SER C 159 5.07 -42.20 18.02
N GLY C 160 4.07 -42.96 17.58
CA GLY C 160 3.11 -43.64 18.42
C GLY C 160 2.33 -44.62 17.57
N SER C 161 1.56 -45.46 18.24
CA SER C 161 0.69 -46.42 17.57
C SER C 161 -0.79 -46.05 17.74
N PRO C 162 -1.65 -46.53 16.85
CA PRO C 162 -3.07 -46.17 16.92
C PRO C 162 -3.63 -46.33 18.32
N GLY C 163 -4.32 -45.29 18.79
CA GLY C 163 -4.83 -45.25 20.14
C GLY C 163 -3.89 -44.64 21.15
N GLN C 164 -2.58 -44.79 20.94
CA GLN C 164 -1.63 -44.15 21.81
C GLN C 164 -1.68 -42.64 21.61
N SER C 165 -1.11 -41.92 22.57
CA SER C 165 -0.91 -40.48 22.45
C SER C 165 0.55 -40.19 22.14
N VAL C 166 0.80 -38.92 21.79
CA VAL C 166 2.14 -38.43 21.46
C VAL C 166 2.20 -36.96 21.86
N THR C 167 3.38 -36.47 22.20
CA THR C 167 3.54 -35.08 22.58
C THR C 167 4.75 -34.48 21.87
N ILE C 168 4.53 -33.29 21.30
CA ILE C 168 5.51 -32.57 20.50
C ILE C 168 5.91 -31.30 21.24
N THR C 169 7.21 -30.97 21.17
CA THR C 169 7.81 -29.83 21.85
C THR C 169 8.09 -28.67 20.91
N CYS C 170 8.00 -27.47 21.47
CA CYS C 170 8.33 -26.25 20.75
C CYS C 170 8.97 -25.28 21.73
N THR C 171 10.28 -25.09 21.65
CA THR C 171 10.99 -24.25 22.59
C THR C 171 11.39 -22.95 21.90
N GLY C 172 10.93 -21.83 22.44
CA GLY C 172 11.33 -20.53 21.92
C GLY C 172 12.03 -19.68 22.97
N SER C 173 11.74 -18.38 23.01
CA SER C 173 12.40 -17.47 23.94
C SER C 173 11.36 -16.55 24.57
N SER C 174 11.86 -15.52 25.28
CA SER C 174 10.95 -14.51 25.81
C SER C 174 10.22 -13.79 24.70
N SER C 175 10.88 -13.60 23.58
CA SER C 175 10.24 -12.88 22.50
C SER C 175 9.23 -13.74 21.76
N ASP C 176 9.02 -15.01 22.12
CA ASP C 176 8.23 -15.70 21.14
C ASP C 176 7.17 -16.46 21.92
N VAL C 177 7.42 -17.76 22.06
CA VAL C 177 6.46 -18.63 22.73
C VAL C 177 6.21 -18.11 24.12
N GLY C 178 7.26 -17.70 24.82
CA GLY C 178 7.12 -17.19 26.16
C GLY C 178 6.76 -15.73 26.27
N GLY C 179 6.47 -15.08 25.15
CA GLY C 179 6.14 -13.68 25.21
C GLY C 179 4.70 -13.33 24.92
N TYR C 180 3.95 -14.24 24.32
CA TYR C 180 2.59 -13.97 23.86
C TYR C 180 1.77 -15.22 24.08
N LYS C 181 0.46 -15.07 23.94
CA LYS C 181 -0.47 -16.18 24.03
C LYS C 181 -1.04 -16.45 22.63
N TYR C 182 -0.17 -16.39 21.61
CA TYR C 182 -0.53 -16.67 20.23
C TYR C 182 0.45 -17.71 19.71
N VAL C 183 0.24 -18.96 20.10
CA VAL C 183 1.01 -20.07 19.57
C VAL C 183 0.04 -20.95 18.79
N SER C 184 0.38 -21.23 17.53
CA SER C 184 -0.42 -22.11 16.68
C SER C 184 0.38 -23.37 16.36
N TRP C 185 -0.34 -24.41 15.92
CA TRP C 185 0.29 -25.61 15.40
C TRP C 185 -0.38 -25.99 14.08
N TYR C 186 0.42 -26.25 13.05
CA TYR C 186 -0.07 -26.69 11.75
C TYR C 186 0.30 -28.14 11.48
N GLN C 187 -0.58 -28.83 10.77
CA GLN C 187 -0.34 -30.18 10.28
C GLN C 187 -0.16 -30.10 8.79
N HIS C 188 0.92 -30.67 8.26
CA HIS C 188 1.23 -30.53 6.83
C HIS C 188 1.48 -31.88 6.18
N HIS C 189 0.69 -32.20 5.15
CA HIS C 189 0.85 -33.32 4.23
C HIS C 189 1.39 -32.83 2.90
N PRO C 190 2.44 -33.46 2.37
CA PRO C 190 2.98 -33.08 1.06
C PRO C 190 1.90 -33.07 -0.02
N GLY C 191 1.79 -31.94 -0.71
CA GLY C 191 0.82 -31.83 -1.76
C GLY C 191 -0.51 -31.23 -1.33
N LYS C 192 -0.68 -30.94 -0.03
CA LYS C 192 -1.89 -30.41 0.57
C LYS C 192 -1.59 -29.09 1.30
N ALA C 193 -2.66 -28.40 1.64
CA ALA C 193 -2.61 -27.15 2.39
C ALA C 193 -2.32 -27.41 3.87
N PRO C 194 -1.33 -26.75 4.46
CA PRO C 194 -1.12 -26.93 5.90
C PRO C 194 -2.41 -26.55 6.61
N LYS C 195 -2.65 -27.22 7.73
CA LYS C 195 -3.93 -27.14 8.40
C LYS C 195 -3.69 -26.69 9.82
N LEU C 196 -4.35 -25.60 10.21
CA LEU C 196 -4.28 -25.10 11.57
C LEU C 196 -5.01 -26.07 12.49
N MET C 197 -4.29 -26.66 13.45
CA MET C 197 -4.84 -27.61 14.41
C MET C 197 -5.14 -26.97 15.75
N ILE C 198 -4.25 -26.11 16.22
CA ILE C 198 -4.38 -25.41 17.49
C ILE C 198 -3.99 -23.96 17.26
N TYR C 199 -4.74 -23.05 17.87
CA TYR C 199 -4.39 -21.65 17.80
C TYR C 199 -4.59 -21.02 19.16
N GLU C 200 -3.99 -19.85 19.34
CA GLU C 200 -4.01 -19.16 20.62
C GLU C 200 -3.63 -20.11 21.75
N VAL C 201 -2.51 -20.81 21.54
CA VAL C 201 -1.88 -21.74 22.48
C VAL C 201 -2.65 -23.05 22.64
N SER C 202 -3.96 -22.98 22.92
CA SER C 202 -4.70 -24.19 23.24
C SER C 202 -6.06 -24.28 22.56
N LYS C 203 -6.41 -23.34 21.68
CA LYS C 203 -7.74 -23.32 21.07
C LYS C 203 -7.73 -24.10 19.77
N ARG C 204 -8.78 -24.92 19.54
CA ARG C 204 -8.91 -25.63 18.26
C ARG C 204 -10.06 -25.10 17.43
N PRO C 205 -9.80 -24.74 16.17
CA PRO C 205 -10.87 -24.30 15.26
C PRO C 205 -11.93 -25.35 15.02
N SER C 206 -13.04 -24.91 14.39
CA SER C 206 -14.21 -25.77 14.20
C SER C 206 -13.85 -26.95 13.33
N GLY C 207 -14.08 -28.15 13.86
CA GLY C 207 -13.81 -29.37 13.13
C GLY C 207 -12.39 -29.88 13.23
N VAL C 208 -11.63 -29.41 14.21
CA VAL C 208 -10.37 -30.03 14.58
C VAL C 208 -10.68 -31.05 15.66
N PRO C 209 -10.34 -32.33 15.46
CA PRO C 209 -10.80 -33.35 16.40
C PRO C 209 -10.23 -33.08 17.78
N ASP C 210 -11.11 -33.14 18.75
CA ASP C 210 -10.95 -32.87 20.17
C ASP C 210 -9.82 -33.64 20.86
N ARG C 211 -9.22 -34.59 20.17
CA ARG C 211 -8.03 -35.30 20.64
C ARG C 211 -6.73 -34.55 20.39
N PHE C 212 -6.74 -33.43 19.65
CA PHE C 212 -5.58 -32.56 19.51
C PHE C 212 -5.57 -31.53 20.64
N SER C 213 -4.42 -31.41 21.31
CA SER C 213 -4.33 -30.71 22.60
C SER C 213 -3.22 -29.68 22.55
N GLY C 214 -3.51 -28.47 23.03
CA GLY C 214 -2.53 -27.39 23.07
C GLY C 214 -2.29 -26.85 24.47
N SER C 215 -1.04 -26.47 24.75
CA SER C 215 -0.66 -25.91 26.04
C SER C 215 0.75 -25.34 25.93
N LYS C 216 1.13 -24.57 26.96
CA LYS C 216 2.39 -23.86 26.99
C LYS C 216 2.79 -23.63 28.44
N SER C 217 4.09 -23.47 28.67
CA SER C 217 4.62 -23.15 29.98
C SER C 217 6.02 -22.58 29.79
N GLY C 218 6.28 -21.43 30.36
CA GLY C 218 7.57 -20.80 30.11
C GLY C 218 7.75 -20.56 28.64
N ASN C 219 8.92 -20.93 28.11
CA ASN C 219 9.27 -20.68 26.71
C ASN C 219 8.95 -21.86 25.80
N MET C 220 8.12 -22.79 26.25
CA MET C 220 7.99 -24.08 25.57
C MET C 220 6.53 -24.49 25.46
N ALA C 221 6.07 -24.68 24.23
CA ALA C 221 4.73 -25.18 23.93
C ALA C 221 4.77 -26.69 23.70
N SER C 222 3.60 -27.31 23.84
CA SER C 222 3.46 -28.75 23.67
C SER C 222 2.17 -29.05 22.92
N LEU C 223 2.26 -29.99 21.97
CA LEU C 223 1.10 -30.52 21.27
C LEU C 223 0.88 -31.96 21.70
N THR C 224 -0.38 -32.39 21.80
CA THR C 224 -0.69 -33.77 22.15
C THR C 224 -1.79 -34.31 21.25
N VAL C 225 -1.50 -35.38 20.50
CA VAL C 225 -2.52 -36.07 19.73
C VAL C 225 -2.90 -37.31 20.54
N SER C 226 -4.04 -37.26 21.22
CA SER C 226 -4.56 -38.44 21.89
C SER C 226 -5.21 -39.38 20.88
N GLY C 227 -5.17 -40.67 21.18
CA GLY C 227 -5.78 -41.67 20.34
C GLY C 227 -5.38 -41.52 18.88
N LEU C 228 -4.10 -41.72 18.60
CA LEU C 228 -3.59 -41.55 17.25
C LEU C 228 -4.41 -42.30 16.20
N GLN C 229 -4.21 -41.91 14.95
CA GLN C 229 -4.95 -42.42 13.82
C GLN C 229 -4.01 -42.40 12.64
N ALA C 230 -4.35 -43.20 11.62
CA ALA C 230 -3.49 -43.26 10.45
C ALA C 230 -3.34 -41.88 9.81
N GLU C 231 -4.44 -41.12 9.71
CA GLU C 231 -4.35 -39.83 9.03
C GLU C 231 -3.41 -38.88 9.76
N ASP C 232 -3.06 -39.17 11.00
CA ASP C 232 -2.35 -38.20 11.80
C ASP C 232 -0.88 -38.14 11.46
N GLU C 233 -0.45 -38.90 10.47
CA GLU C 233 0.96 -39.00 10.19
C GLU C 233 1.29 -37.80 9.30
N ALA C 234 2.03 -36.82 9.81
CA ALA C 234 2.26 -35.60 9.04
C ALA C 234 3.46 -34.88 9.58
N ASP C 235 3.78 -33.73 8.99
CA ASP C 235 4.72 -32.80 9.58
C ASP C 235 3.97 -31.77 10.42
N TYR C 236 4.47 -31.51 11.63
CA TYR C 236 3.79 -30.61 12.58
C TYR C 236 4.70 -29.45 12.93
N TYR C 237 4.26 -28.24 12.58
CA TYR C 237 5.03 -27.02 12.81
C TYR C 237 4.37 -26.15 13.88
N CYS C 238 5.19 -25.53 14.71
CA CYS C 238 4.71 -24.61 15.72
C CYS C 238 5.11 -23.19 15.32
N SER C 239 4.34 -22.22 15.81
CA SER C 239 4.57 -20.82 15.48
C SER C 239 4.19 -19.93 16.66
N SER C 240 4.83 -18.77 16.71
CA SER C 240 4.49 -17.72 17.65
C SER C 240 4.55 -16.37 16.95
N TYR C 241 3.65 -15.47 17.32
CA TYR C 241 3.88 -14.05 17.06
C TYR C 241 5.20 -13.66 17.71
N ALA C 242 5.97 -12.81 17.03
CA ALA C 242 7.33 -12.46 17.45
C ALA C 242 7.54 -10.94 17.44
N GLY C 243 6.51 -10.18 17.80
CA GLY C 243 6.60 -8.74 17.83
C GLY C 243 6.43 -8.13 16.45
N SER C 244 6.47 -6.80 16.42
CA SER C 244 6.11 -6.06 15.21
C SER C 244 7.02 -6.38 14.03
N TYR C 245 8.34 -6.45 14.26
CA TYR C 245 9.27 -6.54 13.12
C TYR C 245 9.34 -7.95 12.57
N ASN C 246 9.53 -8.95 13.44
CA ASN C 246 9.63 -10.32 12.97
C ASN C 246 8.28 -10.94 12.70
N PHE C 247 7.21 -10.39 13.30
CA PHE C 247 5.85 -10.92 13.21
C PHE C 247 5.76 -12.41 13.57
N TYR C 248 5.85 -13.31 12.60
CA TYR C 248 5.93 -14.73 12.95
C TYR C 248 7.32 -15.33 12.87
N VAL C 249 7.44 -16.45 13.58
CA VAL C 249 8.54 -17.38 13.43
C VAL C 249 7.94 -18.78 13.55
N PHE C 250 8.60 -19.76 12.94
CA PHE C 250 8.19 -21.16 12.93
C PHE C 250 9.29 -22.04 13.50
N GLY C 251 8.91 -23.29 13.83
CA GLY C 251 9.87 -24.34 14.08
C GLY C 251 10.26 -25.11 12.81
N ASN C 252 11.27 -25.97 12.94
CA ASN C 252 11.66 -26.77 11.77
C ASN C 252 10.78 -27.99 11.56
N GLY C 253 9.76 -28.20 12.38
CA GLY C 253 8.84 -29.26 12.03
C GLY C 253 9.24 -30.58 12.66
N THR C 254 8.22 -31.41 12.89
CA THR C 254 8.36 -32.69 13.54
C THR C 254 7.63 -33.72 12.70
N LYS C 255 8.36 -34.75 12.31
CA LYS C 255 7.75 -35.87 11.60
C LYS C 255 7.09 -36.84 12.58
N VAL C 256 5.79 -36.90 12.53
CA VAL C 256 5.02 -37.85 13.28
C VAL C 256 4.77 -39.07 12.45
N THR C 257 5.02 -40.23 13.02
CA THR C 257 4.80 -41.49 12.33
C THR C 257 3.89 -42.37 13.16
N VAL C 258 2.93 -43.00 12.49
CA VAL C 258 1.97 -43.91 13.09
C VAL C 258 2.38 -45.32 12.67
N LEU C 259 2.60 -46.18 13.65
CA LEU C 259 3.17 -47.52 13.45
C LEU C 259 2.10 -48.60 13.27
S SO4 D . -32.78 22.76 12.18
O1 SO4 D . -33.80 23.22 11.23
O2 SO4 D . -31.60 23.62 12.08
O3 SO4 D . -33.32 22.76 13.54
O4 SO4 D . -32.41 21.37 11.87
S SO4 E . -12.44 29.43 15.78
O1 SO4 E . -13.63 29.63 14.95
O2 SO4 E . -11.28 29.17 14.95
O3 SO4 E . -12.22 30.64 16.55
O4 SO4 E . -12.66 28.28 16.67
S SO4 F . 16.02 26.02 -7.77
O1 SO4 F . 16.15 25.60 -9.16
O2 SO4 F . 17.34 26.20 -7.17
O3 SO4 F . 15.28 27.28 -7.73
O4 SO4 F . 15.25 25.01 -7.04
S SO4 G . -1.33 -4.90 15.38
O1 SO4 G . -1.71 -5.41 14.05
O2 SO4 G . -0.34 -3.82 15.24
O3 SO4 G . -2.53 -4.42 16.07
O4 SO4 G . -0.69 -5.94 16.19
#